data_5D7O
#
_entry.id   5D7O
#
_cell.length_a   78.000
_cell.length_b   78.170
_cell.length_c   114.241
_cell.angle_alpha   90.00
_cell.angle_beta   90.00
_cell.angle_gamma   90.00
#
_symmetry.space_group_name_H-M   'P 21 21 21'
#
loop_
_entity.id
_entity.type
_entity.pdbx_description
1 polymer 'NAD-dependent protein deacetylase sirtuin-2'
2 non-polymer 'ZINC ION'
3 non-polymer '[(2R,3S,4R,5R)-5-(6-AMINOPURIN-9-YL)-3,4-DIHYDROXY-OXOLAN-2-YL]METHYL [HYDROXY-[[(2R,3S,4R,5S)-3,4,5-TRIHYDROXYOXOLAN-2-YL]METHOXY]PHOSPHORYL] HYDROGEN PHOSPHATE'
4 non-polymer 'TRIETHYLENE GLYCOL'
5 water water
#
_entity_poly.entity_id   1
_entity_poly.type   'polypeptide(L)'
_entity_poly.pdbx_seq_one_letter_code
;GHMSLGSQKERLLDELTLEGVARYMQSERCRRVICLVGAGISTSAGIPDFRSPSTGLYDNLEKYHLPYPEAIFEISYFKK
HPEPFFALAKELYPGQFKPTICHYFMRLLKDKGLLLRCYTQNIDTLERIAGLEQEDLVEAHGTFYTSHCVSASCRHEYPL
SWMKEKIFSEVTPKCEDCQSLVKPDIVFFGESLPARFFSCMQSDFLKVDLLLVMGTSLQVQPFASLISKAPLSTPRLLIN
KEKAGQSDPFLGMIMGLGGGMDFDSKKAYRDVAWLGECDQGCLALAELLGWKKELEDLVRREHASIDAQS
;
_entity_poly.pdbx_strand_id   A,B
#
loop_
_chem_comp.id
_chem_comp.type
_chem_comp.name
_chem_comp.formula
AR6 non-polymer '[(2R,3S,4R,5R)-5-(6-AMINOPURIN-9-YL)-3,4-DIHYDROXY-OXOLAN-2-YL]METHYL [HYDROXY-[[(2R,3S,4R,5S)-3,4,5-TRIHYDROXYOXOLAN-2-YL]METHOXY]PHOSPHORYL] HYDROGEN PHOSPHATE' 'C15 H23 N5 O14 P2'
PGE non-polymer 'TRIETHYLENE GLYCOL' 'C6 H14 O4'
ZN non-polymer 'ZINC ION' 'Zn 2'
#
# COMPACT_ATOMS: atom_id res chain seq x y z
N ARG A 11 11.33 -25.47 -10.16
CA ARG A 11 12.30 -24.44 -9.64
C ARG A 11 13.41 -24.18 -10.66
N LEU A 12 13.49 -22.94 -11.15
CA LEU A 12 14.39 -22.58 -12.26
C LEU A 12 15.85 -22.29 -11.83
N LEU A 13 16.07 -21.87 -10.59
CA LEU A 13 17.42 -21.69 -10.07
C LEU A 13 17.92 -22.97 -9.40
N ASP A 14 19.13 -23.41 -9.76
CA ASP A 14 19.72 -24.60 -9.11
C ASP A 14 20.17 -24.32 -7.68
N GLU A 15 20.48 -23.05 -7.38
CA GLU A 15 20.73 -22.63 -6.01
C GLU A 15 20.46 -21.13 -5.86
N LEU A 16 20.11 -20.70 -4.64
CA LEU A 16 19.73 -19.31 -4.39
C LEU A 16 20.95 -18.44 -4.07
N THR A 17 21.76 -18.24 -5.09
CA THR A 17 23.00 -17.47 -5.01
C THR A 17 23.18 -16.71 -6.31
N LEU A 18 24.07 -15.72 -6.29
CA LEU A 18 24.43 -14.99 -7.50
C LEU A 18 24.94 -15.98 -8.56
N GLU A 19 25.73 -16.97 -8.13
CA GLU A 19 26.24 -18.02 -9.02
C GLU A 19 25.10 -18.75 -9.73
N GLY A 20 24.05 -19.09 -8.96
CA GLY A 20 22.87 -19.74 -9.52
C GLY A 20 22.13 -18.88 -10.52
N VAL A 21 22.03 -17.59 -10.22
CA VAL A 21 21.37 -16.66 -11.13
C VAL A 21 22.16 -16.54 -12.44
N ALA A 22 23.49 -16.43 -12.33
CA ALA A 22 24.35 -16.39 -13.50
C ALA A 22 24.21 -17.63 -14.39
N ARG A 23 24.21 -18.82 -13.78
CA ARG A 23 24.01 -20.05 -14.54
C ARG A 23 22.67 -20.03 -15.26
N TYR A 24 21.63 -19.56 -14.58
CA TYR A 24 20.31 -19.43 -15.19
C TYR A 24 20.30 -18.43 -16.35
N MET A 25 20.98 -17.30 -16.17
CA MET A 25 21.05 -16.26 -17.20
C MET A 25 21.69 -16.78 -18.50
N GLN A 26 22.68 -17.66 -18.37
CA GLN A 26 23.39 -18.19 -19.54
C GLN A 26 22.60 -19.28 -20.26
N SER A 27 21.63 -19.87 -19.57
CA SER A 27 20.79 -20.92 -20.16
C SER A 27 19.84 -20.36 -21.23
N GLU A 28 19.30 -21.24 -22.05
CA GLU A 28 18.36 -20.86 -23.09
C GLU A 28 16.99 -20.44 -22.53
N ARG A 29 16.73 -20.78 -21.28
CA ARG A 29 15.47 -20.43 -20.62
C ARG A 29 15.39 -18.93 -20.29
N CYS A 30 16.52 -18.28 -20.13
CA CYS A 30 16.56 -16.85 -19.78
C CYS A 30 16.72 -15.98 -21.02
N ARG A 31 15.59 -15.58 -21.59
CA ARG A 31 15.55 -14.77 -22.81
C ARG A 31 15.28 -13.29 -22.53
N ARG A 32 14.44 -13.01 -21.54
CA ARG A 32 13.95 -11.65 -21.29
C ARG A 32 14.11 -11.26 -19.82
N VAL A 33 14.86 -10.18 -19.58
CA VAL A 33 15.10 -9.66 -18.24
C VAL A 33 14.44 -8.30 -18.06
N ILE A 34 13.70 -8.13 -16.96
CA ILE A 34 13.20 -6.83 -16.57
C ILE A 34 14.06 -6.34 -15.40
N CYS A 35 14.54 -5.12 -15.52
CA CYS A 35 15.20 -4.44 -14.41
C CYS A 35 14.23 -3.47 -13.73
N LEU A 36 14.16 -3.57 -12.40
CA LEU A 36 13.42 -2.61 -11.58
C LEU A 36 14.43 -1.85 -10.74
N VAL A 37 14.51 -0.55 -10.95
CA VAL A 37 15.56 0.23 -10.29
C VAL A 37 15.03 1.47 -9.59
N GLY A 38 15.78 1.89 -8.59
CA GLY A 38 15.50 3.11 -7.88
C GLY A 38 16.74 3.92 -7.57
N ALA A 39 16.61 4.79 -6.58
CA ALA A 39 17.61 5.82 -6.29
C ALA A 39 18.97 5.25 -5.87
N GLY A 40 18.98 4.04 -5.33
CA GLY A 40 20.23 3.38 -4.96
C GLY A 40 21.24 3.21 -6.09
N ILE A 41 20.77 3.10 -7.34
CA ILE A 41 21.68 2.88 -8.46
C ILE A 41 22.39 4.16 -8.90
N SER A 42 21.99 5.31 -8.34
CA SER A 42 22.58 6.60 -8.70
C SER A 42 23.38 7.27 -7.57
N THR A 43 23.44 6.64 -6.39
CA THR A 43 24.16 7.26 -5.27
C THR A 43 25.66 7.31 -5.50
N SER A 44 26.22 6.28 -6.13
CA SER A 44 27.65 6.27 -6.44
C SER A 44 28.05 7.33 -7.47
N ALA A 45 27.08 7.84 -8.24
CA ALA A 45 27.31 8.97 -9.15
C ALA A 45 27.33 10.32 -8.41
N GLY A 46 26.87 10.33 -7.17
CA GLY A 46 26.85 11.55 -6.35
C GLY A 46 25.46 12.12 -6.08
N ILE A 47 24.41 11.38 -6.46
CA ILE A 47 23.03 11.77 -6.19
C ILE A 47 22.51 10.98 -4.98
N PRO A 48 22.26 11.65 -3.85
CA PRO A 48 21.65 10.98 -2.70
C PRO A 48 20.30 10.31 -3.01
N ASP A 49 20.04 9.18 -2.35
CA ASP A 49 18.73 8.54 -2.45
C ASP A 49 17.71 9.29 -1.58
N PHE A 50 16.53 8.71 -1.36
CA PHE A 50 15.48 9.36 -0.59
C PHE A 50 15.49 8.97 0.88
N ARG A 51 15.65 7.68 1.16
CA ARG A 51 15.30 7.14 2.49
C ARG A 51 16.47 6.66 3.35
N SER A 52 17.71 6.69 2.82
CA SER A 52 18.86 6.30 3.65
C SER A 52 18.97 7.30 4.81
N PRO A 53 19.17 6.80 6.04
CA PRO A 53 19.29 7.71 7.18
C PRO A 53 20.43 8.70 6.99
N SER A 54 20.22 9.94 7.41
CA SER A 54 21.22 11.02 7.40
C SER A 54 21.55 11.58 6.02
N THR A 55 21.88 10.70 5.08
CA THR A 55 22.28 11.13 3.74
C THR A 55 21.09 11.29 2.78
N GLY A 56 20.02 10.56 3.02
CA GLY A 56 18.84 10.59 2.17
C GLY A 56 18.16 11.94 2.08
N LEU A 57 17.53 12.23 0.95
CA LEU A 57 16.85 13.49 0.74
C LEU A 57 15.82 13.80 1.83
N TYR A 58 15.07 12.79 2.28
CA TYR A 58 14.04 13.03 3.29
C TYR A 58 14.58 13.39 4.68
N ASP A 59 15.88 13.17 4.92
CA ASP A 59 16.53 13.64 6.16
C ASP A 59 17.22 14.99 6.00
N ASN A 60 17.03 15.66 4.87
CA ASN A 60 17.72 16.91 4.54
C ASN A 60 16.77 17.97 4.01
N LEU A 61 15.58 18.05 4.60
CA LEU A 61 14.57 19.03 4.20
C LEU A 61 14.14 19.93 5.35
N GLU A 62 14.93 19.98 6.42
CA GLU A 62 14.58 20.76 7.62
C GLU A 62 14.37 22.25 7.34
N LYS A 63 15.14 22.80 6.40
CA LYS A 63 15.08 24.23 6.08
C LYS A 63 13.75 24.65 5.45
N TYR A 64 12.99 23.67 4.94
CA TYR A 64 11.71 23.94 4.30
C TYR A 64 10.53 23.91 5.27
N HIS A 65 10.76 23.50 6.52
CA HIS A 65 9.74 23.51 7.57
C HIS A 65 8.48 22.74 7.18
N LEU A 66 8.67 21.56 6.61
CA LEU A 66 7.57 20.74 6.13
C LEU A 66 6.89 20.03 7.29
N PRO A 67 5.60 19.71 7.16
CA PRO A 67 4.91 18.93 8.19
C PRO A 67 5.51 17.52 8.31
N TYR A 68 6.01 17.00 7.19
CA TYR A 68 6.79 15.77 7.15
C TYR A 68 7.51 15.77 5.79
N PRO A 69 8.62 15.00 5.69
CA PRO A 69 9.46 15.06 4.49
C PRO A 69 8.74 14.85 3.15
N GLU A 70 7.87 13.85 3.09
CA GLU A 70 7.21 13.48 1.83
C GLU A 70 6.31 14.57 1.26
N ALA A 71 5.89 15.51 2.10
CA ALA A 71 5.06 16.63 1.67
C ALA A 71 5.63 17.39 0.48
N ILE A 72 6.95 17.45 0.36
CA ILE A 72 7.57 18.17 -0.75
C ILE A 72 7.29 17.54 -2.13
N PHE A 73 6.90 16.27 -2.16
CA PHE A 73 6.51 15.60 -3.39
C PHE A 73 5.05 15.13 -3.35
N GLU A 74 4.21 15.81 -2.57
CA GLU A 74 2.79 15.48 -2.46
C GLU A 74 2.01 16.55 -3.21
N ILE A 75 1.16 16.13 -4.14
CA ILE A 75 0.43 17.08 -5.00
C ILE A 75 -0.51 18.01 -4.22
N SER A 76 -1.14 17.50 -3.16
CA SER A 76 -2.04 18.31 -2.33
C SER A 76 -1.28 19.40 -1.54
N TYR A 77 -0.12 19.04 -0.97
CA TYR A 77 0.72 20.02 -0.27
C TYR A 77 1.29 21.02 -1.27
N PHE A 78 1.75 20.52 -2.41
CA PHE A 78 2.30 21.35 -3.48
C PHE A 78 1.35 22.47 -3.90
N LYS A 79 0.09 22.12 -4.15
CA LYS A 79 -0.89 23.14 -4.58
C LYS A 79 -1.11 24.23 -3.52
N LYS A 80 -0.92 23.89 -2.25
CA LYS A 80 -1.01 24.86 -1.16
C LYS A 80 0.28 25.65 -0.97
N HIS A 81 1.42 24.95 -0.98
CA HIS A 81 2.72 25.54 -0.71
C HIS A 81 3.76 25.07 -1.71
N PRO A 82 3.76 25.66 -2.93
CA PRO A 82 4.64 25.19 -4.00
C PRO A 82 6.11 25.64 -3.89
N GLU A 83 6.39 26.60 -3.02
CA GLU A 83 7.72 27.22 -2.99
C GLU A 83 8.86 26.25 -2.64
N PRO A 84 8.67 25.39 -1.63
CA PRO A 84 9.76 24.49 -1.27
C PRO A 84 10.17 23.55 -2.41
N PHE A 85 9.20 22.95 -3.09
CA PHE A 85 9.53 22.07 -4.22
C PHE A 85 10.40 22.79 -5.26
N PHE A 86 10.00 24.00 -5.64
CA PHE A 86 10.70 24.72 -6.70
C PHE A 86 12.10 25.20 -6.27
N ALA A 87 12.29 25.41 -4.97
CA ALA A 87 13.61 25.71 -4.43
C ALA A 87 14.50 24.47 -4.51
N LEU A 88 13.94 23.32 -4.10
CA LEU A 88 14.62 22.03 -4.21
C LEU A 88 14.90 21.63 -5.67
N ALA A 89 13.98 22.00 -6.56
CA ALA A 89 14.08 21.62 -7.98
C ALA A 89 15.37 22.06 -8.66
N LYS A 90 15.96 23.15 -8.17
CA LYS A 90 17.24 23.63 -8.68
C LYS A 90 18.36 22.59 -8.56
N GLU A 91 18.29 21.74 -7.53
CA GLU A 91 19.26 20.65 -7.35
C GLU A 91 18.86 19.39 -8.11
N LEU A 92 17.56 19.12 -8.16
CA LEU A 92 17.04 17.90 -8.80
C LEU A 92 17.20 17.89 -10.32
N TYR A 93 17.33 19.06 -10.94
CA TYR A 93 17.37 19.12 -12.40
C TYR A 93 18.55 18.32 -12.94
N PRO A 94 18.29 17.37 -13.87
CA PRO A 94 19.35 16.48 -14.35
C PRO A 94 20.38 17.15 -15.25
N GLY A 95 21.47 16.42 -15.54
CA GLY A 95 22.47 16.84 -16.53
C GLY A 95 23.83 17.28 -16.00
N GLN A 96 24.22 16.79 -14.82
CA GLN A 96 25.54 17.13 -14.25
C GLN A 96 26.24 15.95 -13.54
N PHE A 97 25.72 14.74 -13.73
CA PHE A 97 26.33 13.52 -13.19
C PHE A 97 26.50 12.52 -14.33
N LYS A 98 27.42 11.57 -14.16
CA LYS A 98 27.62 10.52 -15.14
C LYS A 98 26.93 9.24 -14.67
N PRO A 99 26.53 8.38 -15.61
CA PRO A 99 25.95 7.11 -15.20
C PRO A 99 26.95 6.19 -14.51
N THR A 100 26.43 5.28 -13.70
CA THR A 100 27.24 4.38 -12.91
C THR A 100 27.47 3.07 -13.65
N ILE A 101 28.34 2.24 -13.07
CA ILE A 101 28.55 0.88 -13.56
C ILE A 101 27.23 0.12 -13.67
N CYS A 102 26.37 0.27 -12.67
CA CYS A 102 25.05 -0.38 -12.70
C CYS A 102 24.24 0.00 -13.95
N HIS A 103 24.26 1.28 -14.31
CA HIS A 103 23.56 1.76 -15.50
C HIS A 103 24.12 1.13 -16.77
N TYR A 104 25.45 1.02 -16.84
CA TYR A 104 26.08 0.42 -18.02
C TYR A 104 25.89 -1.10 -18.07
N PHE A 105 25.68 -1.73 -16.92
CA PHE A 105 25.34 -3.15 -16.91
C PHE A 105 24.01 -3.38 -17.61
N MET A 106 23.05 -2.49 -17.37
CA MET A 106 21.76 -2.57 -18.04
C MET A 106 21.89 -2.32 -19.55
N ARG A 107 22.77 -1.39 -19.92
CA ARG A 107 23.12 -1.17 -21.34
C ARG A 107 23.66 -2.45 -21.95
N LEU A 108 24.52 -3.14 -21.22
CA LEU A 108 25.08 -4.40 -21.68
C LEU A 108 23.98 -5.43 -21.90
N LEU A 109 23.04 -5.54 -20.97
CA LEU A 109 21.87 -6.41 -21.16
C LEU A 109 21.10 -6.08 -22.45
N LYS A 110 20.95 -4.79 -22.73
CA LYS A 110 20.32 -4.32 -23.97
C LYS A 110 21.11 -4.81 -25.18
N ASP A 111 22.43 -4.63 -25.15
CA ASP A 111 23.30 -5.00 -26.27
C ASP A 111 23.43 -6.51 -26.49
N LYS A 112 23.09 -7.30 -25.48
CA LYS A 112 23.09 -8.75 -25.58
C LYS A 112 21.71 -9.32 -25.90
N GLY A 113 20.74 -8.45 -26.17
CA GLY A 113 19.38 -8.84 -26.52
C GLY A 113 18.61 -9.46 -25.37
N LEU A 114 19.02 -9.14 -24.15
CA LEU A 114 18.42 -9.73 -22.94
C LEU A 114 17.48 -8.79 -22.21
N LEU A 115 17.56 -7.49 -22.48
CA LEU A 115 16.74 -6.51 -21.75
C LEU A 115 15.37 -6.37 -22.40
N LEU A 116 14.34 -6.84 -21.71
CA LEU A 116 12.97 -6.59 -22.14
C LEU A 116 12.58 -5.17 -21.79
N ARG A 117 12.84 -4.76 -20.54
CA ARG A 117 12.53 -3.40 -20.11
C ARG A 117 13.29 -3.02 -18.85
N CYS A 118 13.60 -1.74 -18.72
CA CYS A 118 14.02 -1.17 -17.45
C CYS A 118 12.91 -0.27 -16.94
N TYR A 119 12.31 -0.66 -15.81
CA TYR A 119 11.37 0.22 -15.10
C TYR A 119 12.15 0.96 -14.05
N THR A 120 12.23 2.29 -14.19
CA THR A 120 12.95 3.14 -13.25
C THR A 120 12.03 4.07 -12.46
N GLN A 121 12.33 4.23 -11.18
CA GLN A 121 11.66 5.21 -10.32
C GLN A 121 12.40 6.55 -10.32
N ASN A 122 13.57 6.59 -10.95
CA ASN A 122 14.44 7.77 -10.96
C ASN A 122 14.07 8.78 -12.01
N ILE A 123 14.39 10.05 -11.75
CA ILE A 123 14.17 11.14 -12.70
C ILE A 123 15.48 11.85 -13.07
N ASP A 124 16.60 11.21 -12.75
CA ASP A 124 17.93 11.76 -13.04
C ASP A 124 18.36 11.60 -14.50
N THR A 125 17.63 10.78 -15.25
CA THR A 125 17.87 10.51 -16.68
C THR A 125 19.16 9.75 -16.97
N LEU A 126 19.79 9.17 -15.95
CA LEU A 126 21.06 8.48 -16.17
C LEU A 126 20.91 7.22 -17.03
N GLU A 127 19.73 6.62 -17.06
CA GLU A 127 19.46 5.49 -17.96
C GLU A 127 19.60 5.91 -19.42
N ARG A 128 19.04 7.08 -19.75
CA ARG A 128 19.13 7.63 -21.11
C ARG A 128 20.55 8.05 -21.46
N ILE A 129 21.24 8.66 -20.50
CA ILE A 129 22.62 9.09 -20.71
C ILE A 129 23.53 7.87 -20.89
N ALA A 130 23.20 6.76 -20.22
CA ALA A 130 23.94 5.52 -20.34
C ALA A 130 23.67 4.77 -21.65
N GLY A 131 22.66 5.21 -22.40
CA GLY A 131 22.40 4.66 -23.73
C GLY A 131 21.19 3.75 -23.87
N LEU A 132 20.42 3.59 -22.80
CA LEU A 132 19.11 2.95 -22.91
C LEU A 132 18.19 3.91 -23.67
N GLU A 133 17.41 3.36 -24.58
CA GLU A 133 16.55 4.16 -25.45
C GLU A 133 15.11 4.16 -24.96
N GLN A 134 14.31 5.08 -25.51
CA GLN A 134 12.93 5.28 -25.09
C GLN A 134 12.14 3.97 -25.06
N GLU A 135 12.34 3.13 -26.06
CA GLU A 135 11.62 1.85 -26.17
C GLU A 135 12.02 0.88 -25.06
N ASP A 136 13.27 0.98 -24.59
CA ASP A 136 13.77 0.10 -23.52
C ASP A 136 13.27 0.50 -22.13
N LEU A 137 12.71 1.71 -22.02
CA LEU A 137 12.52 2.37 -20.74
C LEU A 137 11.07 2.63 -20.37
N VAL A 138 10.77 2.44 -19.09
CA VAL A 138 9.57 2.98 -18.49
C VAL A 138 10.02 3.87 -17.34
N GLU A 139 9.95 5.18 -17.55
CA GLU A 139 10.24 6.14 -16.49
C GLU A 139 8.98 6.25 -15.63
N ALA A 140 8.86 5.33 -14.69
CA ALA A 140 7.63 5.10 -13.92
C ALA A 140 7.20 6.29 -13.08
N HIS A 141 8.16 7.05 -12.58
CA HIS A 141 7.85 8.23 -11.78
C HIS A 141 8.07 9.54 -12.55
N GLY A 142 7.97 9.46 -13.88
CA GLY A 142 7.90 10.63 -14.71
C GLY A 142 9.24 11.20 -15.12
N THR A 143 9.19 12.44 -15.59
CA THR A 143 10.35 13.12 -16.16
C THR A 143 10.25 14.62 -15.97
N PHE A 144 11.43 15.25 -15.93
CA PHE A 144 11.55 16.71 -16.00
C PHE A 144 11.39 17.25 -17.43
N TYR A 145 11.56 16.36 -18.41
CA TYR A 145 11.53 16.74 -19.83
C TYR A 145 10.35 17.63 -20.19
N THR A 146 9.16 17.24 -19.73
CA THR A 146 7.94 17.99 -20.02
C THR A 146 7.27 18.45 -18.71
N SER A 147 6.47 19.52 -18.83
CA SER A 147 5.73 20.09 -17.70
C SER A 147 4.28 20.26 -18.09
N HIS A 148 3.40 20.31 -17.08
CA HIS A 148 1.98 20.48 -17.32
C HIS A 148 1.30 21.31 -16.23
N CYS A 149 0.38 22.16 -16.68
CA CYS A 149 -0.57 22.82 -15.80
C CYS A 149 -1.32 21.79 -14.96
N VAL A 150 -1.46 22.05 -13.66
CA VAL A 150 -2.07 21.09 -12.73
C VAL A 150 -3.59 20.97 -12.87
N SER A 151 -4.25 22.01 -13.39
CA SER A 151 -5.69 21.97 -13.64
C SER A 151 -6.03 20.93 -14.72
N ALA A 152 -6.85 19.95 -14.35
CA ALA A 152 -7.26 18.88 -15.27
C ALA A 152 -8.05 19.39 -16.47
N SER A 153 -8.80 20.47 -16.27
CA SER A 153 -9.58 21.10 -17.35
C SER A 153 -8.69 21.66 -18.45
N CYS A 154 -7.50 22.13 -18.08
CA CYS A 154 -6.61 22.84 -18.99
C CYS A 154 -5.43 21.96 -19.44
N ARG A 155 -4.57 21.59 -18.49
CA ARG A 155 -3.44 20.69 -18.76
C ARG A 155 -2.51 21.17 -19.89
N HIS A 156 -2.27 22.48 -19.95
CA HIS A 156 -1.40 23.06 -20.95
C HIS A 156 0.04 22.58 -20.76
N GLU A 157 0.66 22.13 -21.85
CA GLU A 157 2.00 21.56 -21.81
C GLU A 157 3.07 22.61 -22.04
N TYR A 158 4.15 22.55 -21.26
CA TYR A 158 5.28 23.47 -21.39
C TYR A 158 6.59 22.69 -21.52
N PRO A 159 7.53 23.17 -22.37
CA PRO A 159 8.78 22.47 -22.63
C PRO A 159 9.80 22.62 -21.49
N LEU A 160 10.88 21.84 -21.57
CA LEU A 160 11.92 21.84 -20.52
C LEU A 160 12.54 23.22 -20.33
N SER A 161 12.78 23.93 -21.43
CA SER A 161 13.40 25.27 -21.36
C SER A 161 12.52 26.26 -20.60
N TRP A 162 11.21 26.18 -20.82
CA TRP A 162 10.24 27.06 -20.16
C TRP A 162 10.26 26.86 -18.65
N MET A 163 10.17 25.61 -18.22
CA MET A 163 10.21 25.25 -16.79
C MET A 163 11.59 25.53 -16.18
N LYS A 164 12.64 25.18 -16.91
CA LYS A 164 14.02 25.43 -16.47
C LYS A 164 14.26 26.92 -16.22
N GLU A 165 13.78 27.76 -17.14
CA GLU A 165 13.92 29.21 -17.02
C GLU A 165 13.20 29.77 -15.78
N LYS A 166 12.07 29.17 -15.44
CA LYS A 166 11.31 29.59 -14.25
C LYS A 166 11.98 29.14 -12.95
N ILE A 167 12.50 27.92 -12.94
CA ILE A 167 13.13 27.35 -11.75
C ILE A 167 14.41 28.12 -11.37
N PHE A 168 15.25 28.37 -12.36
CA PHE A 168 16.53 29.07 -12.12
C PHE A 168 16.40 30.60 -12.05
N SER A 169 15.21 31.13 -12.32
CA SER A 169 14.90 32.54 -12.06
C SER A 169 14.14 32.72 -10.73
N GLU A 170 13.85 31.61 -10.06
CA GLU A 170 13.12 31.61 -8.78
C GLU A 170 11.75 32.25 -8.88
N VAL A 171 11.09 32.03 -10.02
CA VAL A 171 9.72 32.49 -10.24
C VAL A 171 8.82 31.25 -10.25
N THR A 172 7.78 31.26 -9.42
CA THR A 172 6.84 30.14 -9.36
C THR A 172 6.07 30.04 -10.68
N PRO A 173 6.23 28.91 -11.40
CA PRO A 173 5.61 28.81 -12.73
C PRO A 173 4.08 28.78 -12.69
N LYS A 174 3.47 29.73 -13.38
CA LYS A 174 2.01 29.78 -13.53
C LYS A 174 1.65 29.60 -15.00
N CYS A 175 0.52 28.94 -15.23
CA CYS A 175 0.07 28.64 -16.58
C CYS A 175 -0.48 29.89 -17.27
N GLU A 176 -0.06 30.10 -18.51
CA GLU A 176 -0.42 31.31 -19.26
C GLU A 176 -1.90 31.40 -19.63
N ASP A 177 -2.58 30.25 -19.70
CA ASP A 177 -4.00 30.22 -20.06
C ASP A 177 -4.91 30.41 -18.85
N CYS A 178 -4.65 29.69 -17.76
CA CYS A 178 -5.56 29.67 -16.62
C CYS A 178 -4.95 30.11 -15.28
N GLN A 179 -3.66 30.48 -15.28
CA GLN A 179 -2.97 30.97 -14.08
C GLN A 179 -2.83 29.95 -12.93
N SER A 180 -3.04 28.67 -13.23
CA SER A 180 -2.82 27.62 -12.23
C SER A 180 -1.35 27.28 -12.21
N LEU A 181 -0.91 26.56 -11.19
CA LEU A 181 0.48 26.11 -11.09
C LEU A 181 0.82 25.18 -12.25
N VAL A 182 2.07 25.26 -12.70
CA VAL A 182 2.64 24.34 -13.68
C VAL A 182 3.79 23.63 -12.98
N LYS A 183 3.86 22.31 -13.14
CA LYS A 183 4.93 21.51 -12.54
C LYS A 183 5.56 20.59 -13.56
N PRO A 184 6.85 20.23 -13.36
CA PRO A 184 7.44 19.20 -14.21
C PRO A 184 6.70 17.87 -14.07
N ASP A 185 6.75 17.04 -15.10
CA ASP A 185 5.99 15.79 -15.14
C ASP A 185 6.62 14.69 -14.29
N ILE A 186 7.23 15.06 -13.17
CA ILE A 186 7.65 14.07 -12.20
C ILE A 186 6.41 13.73 -11.38
N VAL A 187 6.22 12.44 -11.10
CA VAL A 187 5.00 11.96 -10.44
C VAL A 187 5.05 12.27 -8.95
N PHE A 188 4.09 13.06 -8.48
CA PHE A 188 3.97 13.37 -7.05
C PHE A 188 3.03 12.36 -6.39
N PHE A 189 3.18 12.20 -5.08
CA PHE A 189 2.23 11.39 -4.30
C PHE A 189 0.82 11.95 -4.56
N GLY A 190 -0.10 11.06 -4.93
CA GLY A 190 -1.47 11.45 -5.26
C GLY A 190 -1.74 11.56 -6.75
N GLU A 191 -0.69 11.57 -7.56
CA GLU A 191 -0.81 11.70 -9.01
C GLU A 191 -0.76 10.37 -9.75
N SER A 192 -1.46 10.32 -10.89
CA SER A 192 -1.45 9.16 -11.77
CA SER A 192 -1.46 9.17 -11.77
C SER A 192 -0.08 8.98 -12.39
N LEU A 193 0.34 7.72 -12.54
CA LEU A 193 1.59 7.39 -13.23
C LEU A 193 1.38 7.51 -14.74
N PRO A 194 2.48 7.62 -15.52
CA PRO A 194 2.31 7.76 -16.98
C PRO A 194 1.62 6.56 -17.60
N ALA A 195 0.85 6.80 -18.66
CA ALA A 195 0.07 5.74 -19.30
C ALA A 195 0.93 4.55 -19.76
N ARG A 196 2.17 4.84 -20.17
CA ARG A 196 3.13 3.84 -20.62
C ARG A 196 3.46 2.80 -19.56
N PHE A 197 3.48 3.21 -18.29
CA PHE A 197 3.69 2.28 -17.17
C PHE A 197 2.73 1.09 -17.23
N PHE A 198 1.46 1.37 -17.47
CA PHE A 198 0.44 0.32 -17.37
C PHE A 198 0.35 -0.51 -18.65
N SER A 199 0.45 0.14 -19.80
CA SER A 199 0.41 -0.58 -21.06
C SER A 199 1.61 -1.53 -21.18
N CYS A 200 2.80 -1.06 -20.81
CA CYS A 200 4.00 -1.92 -20.85
C CYS A 200 3.95 -3.01 -19.80
N MET A 201 3.47 -2.69 -18.60
CA MET A 201 3.40 -3.64 -17.49
C MET A 201 2.60 -4.89 -17.88
N GLN A 202 1.41 -4.67 -18.41
CA GLN A 202 0.47 -5.76 -18.69
C GLN A 202 1.03 -6.80 -19.67
N SER A 203 1.84 -6.35 -20.63
CA SER A 203 2.45 -7.26 -21.61
C SER A 203 3.81 -7.80 -21.17
N ASP A 204 4.63 -6.94 -20.57
CA ASP A 204 6.00 -7.34 -20.15
C ASP A 204 6.01 -8.46 -19.12
N PHE A 205 5.14 -8.34 -18.13
CA PHE A 205 5.21 -9.24 -16.98
C PHE A 205 4.62 -10.62 -17.22
N LEU A 206 3.94 -10.79 -18.35
CA LEU A 206 3.54 -12.12 -18.80
C LEU A 206 4.73 -12.95 -19.33
N LYS A 207 5.78 -12.28 -19.81
CA LYS A 207 6.85 -12.97 -20.54
C LYS A 207 8.24 -12.72 -19.96
N VAL A 208 8.32 -12.27 -18.73
CA VAL A 208 9.62 -12.00 -18.09
C VAL A 208 10.26 -13.30 -17.56
N ASP A 209 11.54 -13.48 -17.82
CA ASP A 209 12.27 -14.67 -17.34
C ASP A 209 13.12 -14.43 -16.09
N LEU A 210 13.45 -13.17 -15.82
CA LEU A 210 14.24 -12.81 -14.65
C LEU A 210 13.93 -11.37 -14.28
N LEU A 211 13.66 -11.13 -12.99
CA LEU A 211 13.59 -9.79 -12.46
C LEU A 211 14.89 -9.45 -11.78
N LEU A 212 15.47 -8.32 -12.17
CA LEU A 212 16.67 -7.80 -11.54
C LEU A 212 16.27 -6.49 -10.84
N VAL A 213 16.24 -6.53 -9.51
CA VAL A 213 15.75 -5.42 -8.69
C VAL A 213 16.97 -4.77 -8.05
N MET A 214 17.19 -3.47 -8.32
CA MET A 214 18.42 -2.81 -7.87
C MET A 214 18.17 -1.43 -7.25
N GLY A 215 18.70 -1.22 -6.05
CA GLY A 215 18.77 0.11 -5.50
C GLY A 215 17.43 0.71 -5.21
N THR A 216 16.52 -0.10 -4.67
CA THR A 216 15.21 0.40 -4.26
C THR A 216 14.78 -0.23 -2.95
N SER A 217 14.05 0.55 -2.14
CA SER A 217 13.58 0.07 -0.85
C SER A 217 12.20 -0.59 -0.97
N LEU A 218 11.60 -0.46 -2.15
CA LEU A 218 10.26 -0.98 -2.41
C LEU A 218 9.23 -0.49 -1.39
N GLN A 219 9.29 0.82 -1.14
CA GLN A 219 8.46 1.49 -0.15
C GLN A 219 7.34 2.31 -0.78
N VAL A 220 7.19 2.26 -2.10
CA VAL A 220 6.11 3.01 -2.75
CA VAL A 220 6.13 3.02 -2.77
C VAL A 220 5.33 2.16 -3.75
N GLN A 221 4.01 2.31 -3.70
CA GLN A 221 3.08 1.67 -4.63
C GLN A 221 2.76 2.70 -5.72
N PRO A 222 2.40 2.23 -6.94
CA PRO A 222 2.26 0.84 -7.38
C PRO A 222 3.56 0.17 -7.79
N PHE A 223 4.68 0.89 -7.79
CA PHE A 223 5.94 0.30 -8.24
C PHE A 223 6.29 -0.96 -7.46
N ALA A 224 6.08 -0.94 -6.15
CA ALA A 224 6.37 -2.08 -5.29
C ALA A 224 5.59 -3.34 -5.70
N SER A 225 4.39 -3.15 -6.26
CA SER A 225 3.57 -4.27 -6.78
C SER A 225 4.20 -5.06 -7.92
N LEU A 226 5.08 -4.42 -8.68
CA LEU A 226 5.66 -5.03 -9.87
C LEU A 226 6.31 -6.38 -9.60
N ILE A 227 6.97 -6.55 -8.46
CA ILE A 227 7.62 -7.83 -8.19
C ILE A 227 6.61 -8.98 -8.16
N SER A 228 5.38 -8.69 -7.74
CA SER A 228 4.33 -9.71 -7.70
C SER A 228 3.59 -9.95 -9.02
N LYS A 229 3.83 -9.11 -10.03
CA LYS A 229 3.24 -9.29 -11.35
C LYS A 229 3.95 -10.34 -12.21
N ALA A 230 5.20 -10.65 -11.87
CA ALA A 230 5.95 -11.68 -12.60
C ALA A 230 5.31 -13.05 -12.36
N PRO A 231 5.48 -13.98 -13.31
CA PRO A 231 5.04 -15.35 -13.05
C PRO A 231 5.68 -15.87 -11.76
N LEU A 232 5.00 -16.78 -11.08
CA LEU A 232 5.53 -17.33 -9.83
C LEU A 232 6.86 -18.07 -9.99
N SER A 233 7.15 -18.57 -11.20
CA SER A 233 8.39 -19.32 -11.44
C SER A 233 9.59 -18.41 -11.72
N THR A 234 9.32 -17.15 -12.07
CA THR A 234 10.39 -16.25 -12.50
C THR A 234 11.31 -15.90 -11.31
N PRO A 235 12.61 -16.22 -11.43
CA PRO A 235 13.56 -15.84 -10.38
C PRO A 235 13.68 -14.33 -10.21
N ARG A 236 13.97 -13.90 -8.98
CA ARG A 236 14.07 -12.48 -8.67
C ARG A 236 15.36 -12.24 -7.89
N LEU A 237 16.26 -11.46 -8.47
CA LEU A 237 17.53 -11.13 -7.84
C LEU A 237 17.47 -9.69 -7.37
N LEU A 238 17.74 -9.47 -6.08
CA LEU A 238 17.87 -8.13 -5.52
C LEU A 238 19.34 -7.81 -5.31
N ILE A 239 19.77 -6.66 -5.82
CA ILE A 239 21.10 -6.14 -5.57
C ILE A 239 20.91 -4.80 -4.86
N ASN A 240 21.26 -4.76 -3.58
CA ASN A 240 20.89 -3.62 -2.75
C ASN A 240 21.69 -3.64 -1.45
N LYS A 241 21.83 -2.48 -0.82
CA LYS A 241 22.57 -2.40 0.45
C LYS A 241 21.87 -3.19 1.55
N GLU A 242 20.55 -3.19 1.52
CA GLU A 242 19.72 -3.83 2.55
C GLU A 242 18.71 -4.74 1.89
N LYS A 243 18.27 -5.75 2.61
CA LYS A 243 17.15 -6.55 2.14
C LYS A 243 15.97 -5.62 2.03
N ALA A 244 15.27 -5.73 0.91
CA ALA A 244 14.08 -4.93 0.65
C ALA A 244 13.01 -5.86 0.12
N GLY A 245 11.77 -5.61 0.49
CA GLY A 245 10.65 -6.41 0.02
C GLY A 245 10.42 -7.67 0.83
N GLN A 246 11.30 -7.96 1.78
CA GLN A 246 11.11 -9.08 2.71
C GLN A 246 10.94 -8.53 4.11
N SER A 247 9.72 -8.63 4.62
CA SER A 247 9.47 -8.28 6.01
C SER A 247 8.17 -8.89 6.47
N ASP A 248 8.04 -9.01 7.79
CA ASP A 248 6.83 -9.53 8.40
C ASP A 248 5.71 -8.50 8.19
N PRO A 249 4.47 -8.98 8.02
CA PRO A 249 3.38 -8.03 7.85
C PRO A 249 3.13 -7.22 9.12
N PHE A 250 2.64 -6.01 8.94
CA PHE A 250 2.30 -5.11 10.04
C PHE A 250 1.29 -4.09 9.53
N LEU A 251 0.61 -3.43 10.45
CA LEU A 251 -0.37 -2.42 10.08
C LEU A 251 0.34 -1.25 9.41
N GLY A 252 -0.04 -0.97 8.16
CA GLY A 252 0.57 0.12 7.40
C GLY A 252 1.73 -0.30 6.53
N MET A 253 1.98 -1.61 6.44
CA MET A 253 2.91 -2.16 5.47
C MET A 253 2.56 -1.68 4.06
N ILE A 254 3.58 -1.50 3.22
CA ILE A 254 3.39 -1.00 1.86
C ILE A 254 2.94 -2.12 0.91
N MET A 255 3.60 -3.28 1.02
CA MET A 255 3.30 -4.44 0.19
CA MET A 255 3.28 -4.38 0.13
C MET A 255 1.93 -4.99 0.48
N GLY A 256 1.27 -5.55 -0.52
CA GLY A 256 0.03 -6.27 -0.29
C GLY A 256 0.40 -7.58 0.36
N LEU A 257 -0.53 -8.17 1.10
CA LEU A 257 -0.30 -9.47 1.72
C LEU A 257 0.21 -10.50 0.73
N GLY A 258 1.33 -11.14 1.07
CA GLY A 258 1.93 -12.17 0.22
C GLY A 258 2.68 -11.63 -1.00
N GLY A 259 2.73 -10.30 -1.15
CA GLY A 259 3.29 -9.68 -2.35
C GLY A 259 4.79 -9.46 -2.35
N GLY A 260 5.46 -9.89 -1.29
CA GLY A 260 6.88 -9.59 -1.08
C GLY A 260 7.87 -10.64 -1.57
N MET A 261 9.13 -10.42 -1.20
CA MET A 261 10.21 -11.32 -1.51
C MET A 261 10.33 -12.32 -0.37
N ASP A 262 10.74 -13.53 -0.70
CA ASP A 262 11.08 -14.55 0.29
C ASP A 262 12.49 -15.05 0.00
N PHE A 263 13.47 -14.42 0.64
CA PHE A 263 14.86 -14.84 0.52
C PHE A 263 15.20 -15.97 1.50
N ASP A 264 14.64 -15.90 2.70
CA ASP A 264 15.24 -16.64 3.84
C ASP A 264 14.37 -17.69 4.52
N SER A 265 13.08 -17.77 4.20
CA SER A 265 12.22 -18.77 4.84
C SER A 265 12.55 -20.15 4.29
N LYS A 266 12.05 -21.21 4.95
CA LYS A 266 12.25 -22.56 4.46
C LYS A 266 11.48 -22.85 3.17
N LYS A 267 10.60 -21.93 2.78
CA LYS A 267 9.86 -22.03 1.53
C LYS A 267 10.53 -21.28 0.38
N ALA A 268 11.63 -20.58 0.66
CA ALA A 268 12.32 -19.82 -0.40
C ALA A 268 12.70 -20.75 -1.55
N TYR A 269 12.42 -20.29 -2.77
CA TYR A 269 12.67 -21.10 -3.97
C TYR A 269 13.17 -20.33 -5.20
N ARG A 270 13.04 -19.01 -5.22
CA ARG A 270 13.40 -18.24 -6.41
C ARG A 270 14.00 -16.85 -6.19
N ASP A 271 14.05 -16.38 -4.94
CA ASP A 271 14.50 -15.02 -4.65
C ASP A 271 15.90 -15.03 -4.06
N VAL A 272 16.77 -14.14 -4.56
CA VAL A 272 18.15 -14.07 -4.12
C VAL A 272 18.48 -12.63 -3.75
N ALA A 273 19.03 -12.42 -2.55
CA ALA A 273 19.47 -11.11 -2.11
C ALA A 273 20.99 -11.05 -2.12
N TRP A 274 21.54 -10.20 -2.98
CA TRP A 274 22.96 -9.89 -2.94
C TRP A 274 23.09 -8.54 -2.26
N LEU A 275 23.69 -8.53 -1.07
CA LEU A 275 23.76 -7.34 -0.24
C LEU A 275 25.10 -6.64 -0.35
N GLY A 276 25.04 -5.38 -0.79
CA GLY A 276 26.23 -4.58 -1.03
C GLY A 276 25.91 -3.41 -1.95
N GLU A 277 26.95 -2.81 -2.52
CA GLU A 277 26.75 -1.67 -3.41
C GLU A 277 26.39 -2.18 -4.81
N CYS A 278 25.49 -1.45 -5.47
CA CYS A 278 24.95 -1.87 -6.76
C CYS A 278 26.04 -2.05 -7.82
N ASP A 279 26.97 -1.09 -7.89
CA ASP A 279 28.13 -1.19 -8.78
C ASP A 279 28.92 -2.48 -8.57
N GLN A 280 29.20 -2.81 -7.32
CA GLN A 280 30.00 -4.00 -7.00
C GLN A 280 29.23 -5.27 -7.29
N GLY A 281 27.93 -5.27 -7.03
CA GLY A 281 27.08 -6.41 -7.36
C GLY A 281 27.03 -6.67 -8.86
N CYS A 282 26.97 -5.60 -9.65
CA CYS A 282 26.91 -5.73 -11.10
C CYS A 282 28.24 -6.22 -11.66
N LEU A 283 29.36 -5.76 -11.09
CA LEU A 283 30.67 -6.28 -11.49
C LEU A 283 30.79 -7.76 -11.17
N ALA A 284 30.31 -8.17 -10.00
CA ALA A 284 30.34 -9.57 -9.60
C ALA A 284 29.52 -10.44 -10.54
N LEU A 285 28.32 -9.99 -10.89
CA LEU A 285 27.46 -10.73 -11.83
C LEU A 285 28.10 -10.80 -13.21
N ALA A 286 28.61 -9.66 -13.67
CA ALA A 286 29.31 -9.58 -14.96
C ALA A 286 30.47 -10.55 -15.04
N GLU A 287 31.26 -10.60 -13.97
CA GLU A 287 32.38 -11.54 -13.89
C GLU A 287 31.92 -12.99 -14.07
N LEU A 288 30.86 -13.38 -13.36
CA LEU A 288 30.30 -14.73 -13.48
C LEU A 288 29.81 -15.06 -14.90
N LEU A 289 29.35 -14.04 -15.63
CA LEU A 289 28.85 -14.23 -17.00
C LEU A 289 29.93 -14.10 -18.07
N GLY A 290 31.16 -13.78 -17.66
CA GLY A 290 32.26 -13.56 -18.60
C GLY A 290 32.20 -12.22 -19.31
N TRP A 291 31.47 -11.26 -18.72
CA TRP A 291 31.27 -9.93 -19.30
C TRP A 291 32.08 -8.81 -18.64
N LYS A 292 32.90 -9.14 -17.64
CA LYS A 292 33.49 -8.09 -16.80
C LYS A 292 34.38 -7.12 -17.57
N LYS A 293 35.23 -7.65 -18.45
CA LYS A 293 36.09 -6.78 -19.27
C LYS A 293 35.26 -5.92 -20.22
N GLU A 294 34.23 -6.51 -20.81
CA GLU A 294 33.32 -5.78 -21.70
CA GLU A 294 33.32 -5.78 -21.70
C GLU A 294 32.65 -4.63 -20.95
N LEU A 295 32.18 -4.92 -19.73
CA LEU A 295 31.53 -3.90 -18.90
C LEU A 295 32.50 -2.76 -18.56
N GLU A 296 33.68 -3.11 -18.05
CA GLU A 296 34.70 -2.12 -17.69
C GLU A 296 35.13 -1.25 -18.88
N ASP A 297 35.29 -1.87 -20.04
CA ASP A 297 35.65 -1.14 -21.25
C ASP A 297 34.55 -0.17 -21.66
N LEU A 298 33.29 -0.61 -21.56
CA LEU A 298 32.14 0.24 -21.87
C LEU A 298 32.08 1.46 -20.95
N VAL A 299 32.26 1.23 -19.65
CA VAL A 299 32.24 2.31 -18.66
C VAL A 299 33.35 3.31 -18.96
N ARG A 300 34.57 2.82 -19.16
CA ARG A 300 35.74 3.68 -19.42
C ARG A 300 35.53 4.53 -20.66
N ARG A 301 35.06 3.89 -21.74
CA ARG A 301 34.85 4.56 -23.01
C ARG A 301 33.74 5.61 -22.93
N GLU A 302 32.61 5.24 -22.33
CA GLU A 302 31.44 6.13 -22.28
C GLU A 302 31.67 7.35 -21.38
N HIS A 303 32.38 7.15 -20.27
CA HIS A 303 32.74 8.25 -19.38
C HIS A 303 33.71 9.22 -20.05
N ALA A 304 34.72 8.67 -20.70
CA ALA A 304 35.69 9.48 -21.46
C ALA A 304 35.00 10.25 -22.57
N SER A 305 34.01 9.63 -23.19
CA SER A 305 33.18 10.29 -24.22
C SER A 305 32.35 11.43 -23.65
N ILE A 306 31.85 11.27 -22.43
CA ILE A 306 31.14 12.34 -21.73
C ILE A 306 32.09 13.47 -21.33
N ASP A 307 33.27 13.12 -20.83
CA ASP A 307 34.29 14.11 -20.48
C ASP A 307 34.78 14.93 -21.69
N ALA A 308 34.70 14.33 -22.89
CA ALA A 308 35.14 14.99 -24.13
C ALA A 308 34.54 16.38 -24.31
N GLN A 309 33.24 16.53 -24.06
CA GLN A 309 32.58 17.84 -24.14
C GLN A 309 32.93 18.68 -22.92
N LYS B 9 -12.59 -17.03 -13.51
CA LYS B 9 -13.33 -15.81 -13.99
C LYS B 9 -14.70 -16.16 -14.60
N GLU B 10 -15.44 -17.05 -13.94
CA GLU B 10 -16.83 -17.31 -14.32
C GLU B 10 -17.68 -16.17 -13.78
N ARG B 11 -18.63 -15.71 -14.58
CA ARG B 11 -19.54 -14.63 -14.15
C ARG B 11 -20.77 -15.24 -13.46
N LEU B 12 -20.83 -15.10 -12.14
CA LEU B 12 -21.89 -15.72 -11.35
C LEU B 12 -23.11 -14.80 -11.13
N LEU B 13 -22.89 -13.49 -11.18
CA LEU B 13 -24.00 -12.53 -11.09
C LEU B 13 -24.64 -12.36 -12.46
N ASP B 14 -25.97 -12.44 -12.50
CA ASP B 14 -26.72 -12.23 -13.76
C ASP B 14 -26.72 -10.75 -14.17
N GLU B 15 -26.61 -9.86 -13.19
CA GLU B 15 -26.45 -8.43 -13.45
C GLU B 15 -25.71 -7.79 -12.27
N LEU B 16 -24.98 -6.72 -12.55
CA LEU B 16 -24.18 -6.03 -11.53
C LEU B 16 -25.02 -5.01 -10.76
N THR B 17 -25.97 -5.53 -9.98
CA THR B 17 -26.85 -4.71 -9.15
C THR B 17 -27.11 -5.44 -7.83
N LEU B 18 -27.73 -4.75 -6.88
CA LEU B 18 -28.08 -5.36 -5.60
C LEU B 18 -29.08 -6.49 -5.80
N GLU B 19 -29.96 -6.36 -6.79
CA GLU B 19 -30.95 -7.40 -7.10
C GLU B 19 -30.27 -8.67 -7.63
N GLY B 20 -29.23 -8.49 -8.44
CA GLY B 20 -28.41 -9.61 -8.92
C GLY B 20 -27.67 -10.32 -7.82
N VAL B 21 -27.25 -9.58 -6.80
CA VAL B 21 -26.58 -10.15 -5.64
C VAL B 21 -27.59 -10.97 -4.83
N ALA B 22 -28.75 -10.38 -4.58
CA ALA B 22 -29.83 -11.06 -3.86
C ALA B 22 -30.19 -12.40 -4.50
N ARG B 23 -30.34 -12.40 -5.82
CA ARG B 23 -30.63 -13.63 -6.57
C ARG B 23 -29.52 -14.65 -6.46
N TYR B 24 -28.27 -14.19 -6.54
CA TYR B 24 -27.11 -15.06 -6.35
C TYR B 24 -27.08 -15.63 -4.93
N MET B 25 -27.42 -14.80 -3.95
CA MET B 25 -27.44 -15.22 -2.55
C MET B 25 -28.49 -16.30 -2.29
N GLN B 26 -29.60 -16.24 -3.03
CA GLN B 26 -30.68 -17.22 -2.88
C GLN B 26 -30.41 -18.54 -3.62
N SER B 27 -29.47 -18.54 -4.57
CA SER B 27 -29.10 -19.76 -5.29
C SER B 27 -28.24 -20.68 -4.42
N GLU B 28 -28.13 -21.94 -4.85
CA GLU B 28 -27.38 -22.96 -4.10
C GLU B 28 -25.87 -22.76 -4.15
N ARG B 29 -25.39 -22.03 -5.14
CA ARG B 29 -23.96 -21.72 -5.27
C ARG B 29 -23.43 -20.89 -4.10
N CYS B 30 -24.26 -19.99 -3.57
CA CYS B 30 -23.83 -19.09 -2.50
C CYS B 30 -24.06 -19.69 -1.11
N ARG B 31 -23.04 -20.36 -0.60
CA ARG B 31 -23.09 -20.99 0.72
C ARG B 31 -22.32 -20.19 1.78
N ARG B 32 -21.16 -19.65 1.42
CA ARG B 32 -20.25 -19.02 2.37
C ARG B 32 -20.04 -17.55 2.06
N VAL B 33 -20.45 -16.69 2.99
CA VAL B 33 -20.29 -15.24 2.88
C VAL B 33 -19.26 -14.74 3.90
N ILE B 34 -18.36 -13.85 3.47
CA ILE B 34 -17.45 -13.15 4.38
C ILE B 34 -17.78 -11.67 4.34
N CYS B 35 -17.90 -11.07 5.52
CA CYS B 35 -18.10 -9.64 5.64
C CYS B 35 -16.76 -8.98 6.00
N LEU B 36 -16.46 -7.88 5.32
CA LEU B 36 -15.28 -7.07 5.61
C LEU B 36 -15.78 -5.68 5.99
N VAL B 37 -15.60 -5.31 7.25
CA VAL B 37 -16.22 -4.07 7.74
C VAL B 37 -15.26 -3.10 8.40
N GLY B 38 -15.65 -1.83 8.39
CA GLY B 38 -14.90 -0.77 9.03
C GLY B 38 -15.80 0.20 9.75
N ALA B 39 -15.26 1.37 10.06
CA ALA B 39 -15.89 2.33 10.95
C ALA B 39 -17.19 2.90 10.41
N GLY B 40 -17.41 2.85 9.10
CA GLY B 40 -18.66 3.27 8.50
C GLY B 40 -19.90 2.56 9.00
N ILE B 41 -19.77 1.30 9.40
CA ILE B 41 -20.93 0.57 9.94
C ILE B 41 -21.32 0.99 11.37
N SER B 42 -20.53 1.87 12.00
CA SER B 42 -20.78 2.29 13.38
C SER B 42 -21.07 3.79 13.58
N THR B 43 -21.06 4.58 12.50
CA THR B 43 -21.30 6.01 12.62
C THR B 43 -22.75 6.31 12.98
N SER B 44 -23.67 5.51 12.45
CA SER B 44 -25.10 5.70 12.76
C SER B 44 -25.41 5.37 14.22
N ALA B 45 -24.51 4.65 14.88
CA ALA B 45 -24.62 4.40 16.32
C ALA B 45 -24.11 5.58 17.16
N GLY B 46 -23.49 6.57 16.51
CA GLY B 46 -22.96 7.74 17.19
C GLY B 46 -21.44 7.75 17.35
N ILE B 47 -20.75 6.80 16.72
CA ILE B 47 -19.30 6.70 16.79
C ILE B 47 -18.71 7.23 15.49
N PRO B 48 -18.00 8.37 15.55
CA PRO B 48 -17.46 8.89 14.29
C PRO B 48 -16.37 7.98 13.72
N ASP B 49 -16.21 8.01 12.39
CA ASP B 49 -15.20 7.21 11.72
C ASP B 49 -13.83 7.90 11.83
N PHE B 50 -12.89 7.53 10.96
CA PHE B 50 -11.53 8.07 11.02
C PHE B 50 -11.28 9.18 9.99
N ARG B 51 -11.63 8.92 8.74
CA ARG B 51 -11.19 9.75 7.62
C ARG B 51 -12.24 10.67 7.00
N SER B 52 -13.48 10.67 7.52
CA SER B 52 -14.49 11.60 6.99
C SER B 52 -14.10 13.05 7.33
N PRO B 53 -14.27 13.97 6.37
CA PRO B 53 -14.00 15.39 6.64
C PRO B 53 -14.83 15.93 7.81
N SER B 54 -14.19 16.72 8.67
CA SER B 54 -14.86 17.41 9.80
C SER B 54 -15.34 16.51 10.96
N THR B 55 -15.99 15.40 10.62
CA THR B 55 -16.57 14.49 11.61
C THR B 55 -15.58 13.42 12.04
N GLY B 56 -14.72 13.00 11.12
CA GLY B 56 -13.78 11.92 11.37
C GLY B 56 -12.77 12.24 12.45
N LEU B 57 -12.32 11.20 13.15
CA LEU B 57 -11.40 11.35 14.26
C LEU B 57 -10.10 12.06 13.85
N TYR B 58 -9.58 11.73 12.66
CA TYR B 58 -8.30 12.30 12.22
C TYR B 58 -8.36 13.80 11.93
N ASP B 59 -9.56 14.36 11.78
CA ASP B 59 -9.69 15.81 11.61
C ASP B 59 -10.01 16.53 12.94
N ASN B 60 -9.94 15.80 14.06
CA ASN B 60 -10.32 16.34 15.37
C ASN B 60 -9.30 16.04 16.46
N LEU B 61 -8.01 16.11 16.13
CA LEU B 61 -6.94 15.82 17.07
C LEU B 61 -6.02 17.03 17.29
N GLU B 62 -6.52 18.22 16.96
CA GLU B 62 -5.71 19.46 17.02
C GLU B 62 -5.09 19.68 18.39
N LYS B 63 -5.87 19.41 19.44
CA LYS B 63 -5.43 19.65 20.81
C LYS B 63 -4.16 18.89 21.22
N TYR B 64 -3.89 17.76 20.58
CA TYR B 64 -2.76 16.91 20.94
C TYR B 64 -1.44 17.34 20.30
N HIS B 65 -1.50 18.26 19.34
CA HIS B 65 -0.30 18.84 18.71
C HIS B 65 0.59 17.77 18.10
N LEU B 66 -0.01 16.91 17.29
CA LEU B 66 0.69 15.80 16.63
C LEU B 66 1.35 16.29 15.36
N PRO B 67 2.40 15.59 14.89
CA PRO B 67 3.01 15.91 13.59
C PRO B 67 2.07 15.63 12.41
N TYR B 68 1.27 14.58 12.57
CA TYR B 68 0.18 14.25 11.65
C TYR B 68 -0.78 13.35 12.42
N PRO B 69 -2.07 13.27 11.99
CA PRO B 69 -3.10 12.60 12.79
C PRO B 69 -2.79 11.16 13.18
N GLU B 70 -2.23 10.40 12.24
CA GLU B 70 -1.99 8.97 12.46
C GLU B 70 -0.97 8.70 13.58
N ALA B 71 -0.15 9.70 13.90
CA ALA B 71 0.84 9.58 14.98
C ALA B 71 0.23 9.05 16.28
N ILE B 72 -1.02 9.40 16.57
CA ILE B 72 -1.62 8.97 17.83
C ILE B 72 -1.84 7.45 17.90
N PHE B 73 -1.77 6.77 16.76
CA PHE B 73 -1.83 5.30 16.71
C PHE B 73 -0.59 4.67 16.09
N GLU B 74 0.55 5.38 16.17
CA GLU B 74 1.83 4.86 15.69
C GLU B 74 2.65 4.41 16.89
N ILE B 75 3.18 3.19 16.81
CA ILE B 75 3.84 2.58 17.97
C ILE B 75 5.11 3.35 18.41
N SER B 76 5.87 3.89 17.46
CA SER B 76 7.10 4.61 17.81
CA SER B 76 7.09 4.62 17.81
C SER B 76 6.76 5.94 18.48
N TYR B 77 5.74 6.61 17.98
CA TYR B 77 5.31 7.87 18.56
C TYR B 77 4.73 7.64 19.95
N PHE B 78 3.93 6.59 20.08
CA PHE B 78 3.34 6.20 21.35
C PHE B 78 4.38 6.01 22.46
N LYS B 79 5.42 5.22 22.19
CA LYS B 79 6.44 4.94 23.21
C LYS B 79 7.14 6.21 23.68
N LYS B 80 7.38 7.11 22.73
CA LYS B 80 8.03 8.39 23.02
C LYS B 80 7.09 9.43 23.63
N HIS B 81 5.82 9.39 23.23
CA HIS B 81 4.81 10.34 23.69
C HIS B 81 3.48 9.61 23.94
N PRO B 82 3.38 8.85 25.05
CA PRO B 82 2.18 8.02 25.24
C PRO B 82 0.96 8.77 25.76
N GLU B 83 1.15 9.99 26.24
CA GLU B 83 0.11 10.72 26.95
C GLU B 83 -1.10 11.05 26.05
N PRO B 84 -0.88 11.52 24.81
CA PRO B 84 -2.01 11.85 23.94
C PRO B 84 -2.96 10.68 23.64
N PHE B 85 -2.43 9.50 23.36
CA PHE B 85 -3.28 8.34 23.10
C PHE B 85 -4.19 8.05 24.30
N PHE B 86 -3.59 7.98 25.49
CA PHE B 86 -4.34 7.63 26.69
C PHE B 86 -5.36 8.69 27.08
N ALA B 87 -5.09 9.95 26.73
CA ALA B 87 -6.08 11.02 26.88
C ALA B 87 -7.27 10.73 25.97
N LEU B 88 -6.99 10.44 24.69
CA LEU B 88 -8.02 10.06 23.74
C LEU B 88 -8.73 8.75 24.10
N ALA B 89 -7.98 7.81 24.67
CA ALA B 89 -8.48 6.46 24.98
C ALA B 89 -9.75 6.44 25.84
N LYS B 90 -9.92 7.45 26.67
CA LYS B 90 -11.13 7.59 27.50
C LYS B 90 -12.41 7.60 26.63
N GLU B 91 -12.32 8.23 25.46
CA GLU B 91 -13.43 8.26 24.51
C GLU B 91 -13.55 6.94 23.73
N LEU B 92 -12.41 6.34 23.38
CA LEU B 92 -12.37 5.12 22.59
C LEU B 92 -12.90 3.87 23.31
N TYR B 93 -13.03 3.92 24.62
CA TYR B 93 -13.49 2.77 25.38
C TYR B 93 -14.91 2.36 24.96
N PRO B 94 -15.11 1.07 24.64
CA PRO B 94 -16.41 0.64 24.10
C PRO B 94 -17.47 0.35 25.16
N GLY B 95 -18.73 0.33 24.72
CA GLY B 95 -19.85 -0.09 25.58
C GLY B 95 -20.83 1.00 26.02
N GLN B 96 -20.86 2.12 25.32
CA GLN B 96 -21.83 3.18 25.60
C GLN B 96 -22.76 3.39 24.40
N PHE B 97 -22.72 2.46 23.45
CA PHE B 97 -23.48 2.57 22.20
C PHE B 97 -24.17 1.25 21.88
N LYS B 98 -25.24 1.33 21.09
CA LYS B 98 -25.99 0.16 20.65
C LYS B 98 -25.56 -0.23 19.23
N PRO B 99 -25.63 -1.53 18.90
CA PRO B 99 -25.32 -1.88 17.52
C PRO B 99 -26.36 -1.37 16.53
N THR B 100 -25.94 -1.26 15.27
CA THR B 100 -26.75 -0.74 14.18
C THR B 100 -27.48 -1.85 13.44
N ILE B 101 -28.40 -1.44 12.57
CA ILE B 101 -29.10 -2.36 11.69
C ILE B 101 -28.10 -3.23 10.93
N CYS B 102 -27.03 -2.59 10.44
CA CYS B 102 -25.95 -3.28 9.74
C CYS B 102 -25.36 -4.44 10.56
N HIS B 103 -25.08 -4.18 11.84
CA HIS B 103 -24.58 -5.23 12.74
C HIS B 103 -25.59 -6.38 12.89
N TYR B 104 -26.88 -6.05 12.97
CA TYR B 104 -27.90 -7.09 13.10
C TYR B 104 -28.16 -7.84 11.78
N PHE B 105 -27.90 -7.19 10.66
CA PHE B 105 -27.95 -7.87 9.37
C PHE B 105 -26.90 -8.98 9.32
N MET B 106 -25.69 -8.68 9.80
CA MET B 106 -24.65 -9.71 9.88
C MET B 106 -25.03 -10.81 10.86
N ARG B 107 -25.66 -10.45 11.98
CA ARG B 107 -26.21 -11.45 12.93
C ARG B 107 -27.21 -12.36 12.24
N LEU B 108 -28.02 -11.78 11.35
CA LEU B 108 -29.01 -12.55 10.60
C LEU B 108 -28.32 -13.51 9.63
N LEU B 109 -27.23 -13.06 8.98
CA LEU B 109 -26.43 -13.95 8.15
C LEU B 109 -25.90 -15.14 8.95
N LYS B 110 -25.50 -14.89 10.20
CA LYS B 110 -25.05 -15.97 11.08
C LYS B 110 -26.17 -16.99 11.31
N ASP B 111 -27.33 -16.49 11.72
CA ASP B 111 -28.47 -17.35 12.05
C ASP B 111 -29.04 -18.08 10.82
N LYS B 112 -28.90 -17.48 9.64
CA LYS B 112 -29.29 -18.13 8.39
C LYS B 112 -28.24 -19.13 7.89
N GLY B 113 -27.13 -19.27 8.62
CA GLY B 113 -26.06 -20.21 8.26
C GLY B 113 -25.22 -19.79 7.06
N LEU B 114 -25.28 -18.51 6.72
CA LEU B 114 -24.57 -17.99 5.54
C LEU B 114 -23.23 -17.35 5.89
N LEU B 115 -23.06 -16.91 7.12
CA LEU B 115 -21.86 -16.18 7.51
C LEU B 115 -20.71 -17.13 7.84
N LEU B 116 -19.65 -17.08 7.04
CA LEU B 116 -18.43 -17.82 7.34
C LEU B 116 -17.58 -17.06 8.35
N ARG B 117 -17.44 -15.75 8.14
CA ARG B 117 -16.65 -14.91 9.04
C ARG B 117 -16.95 -13.42 8.80
N CYS B 118 -16.85 -12.64 9.87
CA CYS B 118 -16.80 -11.19 9.79
C CYS B 118 -15.42 -10.74 10.21
N TYR B 119 -14.68 -10.14 9.29
CA TYR B 119 -13.41 -9.48 9.57
C TYR B 119 -13.71 -8.01 9.80
N THR B 120 -13.42 -7.53 11.01
CA THR B 120 -13.71 -6.12 11.35
C THR B 120 -12.42 -5.37 11.66
N GLN B 121 -12.38 -4.11 11.24
CA GLN B 121 -11.26 -3.23 11.58
C GLN B 121 -11.59 -2.43 12.84
N ASN B 122 -12.83 -2.57 13.31
CA ASN B 122 -13.29 -1.81 14.46
C ASN B 122 -12.91 -2.41 15.80
N ILE B 123 -12.83 -1.53 16.80
CA ILE B 123 -12.54 -1.93 18.18
C ILE B 123 -13.69 -1.51 19.12
N ASP B 124 -14.85 -1.22 18.57
CA ASP B 124 -16.00 -0.76 19.35
C ASP B 124 -16.80 -1.90 20.01
N THR B 125 -16.50 -3.13 19.62
CA THR B 125 -17.16 -4.36 20.15
C THR B 125 -18.63 -4.54 19.76
N LEU B 126 -19.14 -3.74 18.84
CA LEU B 126 -20.57 -3.81 18.49
C LEU B 126 -20.95 -5.09 17.75
N GLU B 127 -19.99 -5.76 17.11
CA GLU B 127 -20.29 -7.04 16.49
C GLU B 127 -20.63 -8.06 17.58
N ARG B 128 -19.87 -8.03 18.68
CA ARG B 128 -20.11 -8.95 19.79
C ARG B 128 -21.45 -8.65 20.47
N ILE B 129 -21.73 -7.37 20.70
CA ILE B 129 -22.97 -6.94 21.34
C ILE B 129 -24.20 -7.33 20.50
N ALA B 130 -24.04 -7.33 19.18
CA ALA B 130 -25.11 -7.73 18.25
C ALA B 130 -25.35 -9.24 18.20
N GLY B 131 -24.44 -10.02 18.76
CA GLY B 131 -24.63 -11.46 18.88
C GLY B 131 -23.64 -12.32 18.12
N LEU B 132 -22.72 -11.70 17.39
CA LEU B 132 -21.64 -12.46 16.74
C LEU B 132 -20.71 -12.99 17.81
N GLU B 133 -20.31 -14.25 17.68
CA GLU B 133 -19.46 -14.90 18.68
C GLU B 133 -18.01 -14.89 18.23
N GLN B 134 -17.11 -15.17 19.17
CA GLN B 134 -15.67 -15.25 18.93
C GLN B 134 -15.38 -15.98 17.62
N GLU B 135 -16.03 -17.13 17.43
CA GLU B 135 -15.77 -17.99 16.27
C GLU B 135 -16.16 -17.34 14.94
N ASP B 136 -17.17 -16.47 14.97
CA ASP B 136 -17.65 -15.78 13.76
C ASP B 136 -16.77 -14.59 13.39
N LEU B 137 -15.93 -14.15 14.32
CA LEU B 137 -15.25 -12.86 14.22
C LEU B 137 -13.75 -12.97 14.08
N VAL B 138 -13.20 -12.08 13.25
CA VAL B 138 -11.78 -11.78 13.26
C VAL B 138 -11.69 -10.28 13.54
N GLU B 139 -11.22 -9.92 14.73
CA GLU B 139 -11.04 -8.52 15.11
C GLU B 139 -9.63 -8.12 14.67
N ALA B 140 -9.56 -7.75 13.39
CA ALA B 140 -8.30 -7.58 12.67
C ALA B 140 -7.40 -6.53 13.26
N HIS B 141 -7.99 -5.48 13.84
CA HIS B 141 -7.18 -4.41 14.40
C HIS B 141 -7.22 -4.41 15.92
N GLY B 142 -7.45 -5.59 16.48
CA GLY B 142 -7.27 -5.83 17.90
C GLY B 142 -8.51 -5.55 18.72
N THR B 143 -8.27 -5.33 20.01
CA THR B 143 -9.35 -5.20 20.97
C THR B 143 -8.83 -4.45 22.19
N PHE B 144 -9.75 -3.77 22.89
CA PHE B 144 -9.48 -3.19 24.21
C PHE B 144 -9.52 -4.26 25.31
N TYR B 145 -10.16 -5.40 25.03
CA TYR B 145 -10.49 -6.39 26.07
C TYR B 145 -9.28 -6.77 26.93
N THR B 146 -8.15 -7.00 26.27
CA THR B 146 -6.89 -7.32 26.94
C THR B 146 -5.85 -6.26 26.63
N SER B 147 -4.87 -6.16 27.52
CA SER B 147 -3.75 -5.23 27.37
C SER B 147 -2.45 -5.96 27.67
N HIS B 148 -1.38 -5.56 27.01
CA HIS B 148 -0.08 -6.20 27.21
C HIS B 148 1.05 -5.18 27.31
N CYS B 149 2.02 -5.53 28.12
CA CYS B 149 3.32 -4.88 28.14
C CYS B 149 3.95 -4.91 26.75
N VAL B 150 4.56 -3.80 26.36
CA VAL B 150 5.14 -3.63 25.01
C VAL B 150 6.51 -4.30 24.82
N SER B 151 7.20 -4.64 25.91
CA SER B 151 8.49 -5.31 25.82
C SER B 151 8.36 -6.71 25.26
N ALA B 152 9.07 -7.00 24.18
CA ALA B 152 9.02 -8.31 23.52
C ALA B 152 9.55 -9.45 24.40
N SER B 153 10.45 -9.11 25.33
CA SER B 153 11.04 -10.10 26.23
C SER B 153 10.11 -10.52 27.38
N CYS B 154 9.04 -9.76 27.60
CA CYS B 154 8.19 -9.94 28.78
C CYS B 154 6.72 -10.24 28.41
N ARG B 155 6.08 -9.29 27.73
CA ARG B 155 4.70 -9.46 27.24
C ARG B 155 3.70 -9.85 28.34
N HIS B 156 3.83 -9.25 29.52
CA HIS B 156 2.94 -9.52 30.64
C HIS B 156 1.52 -8.98 30.36
N GLU B 157 0.51 -9.85 30.50
CA GLU B 157 -0.88 -9.50 30.17
C GLU B 157 -1.59 -8.82 31.34
N TYR B 158 -2.48 -7.88 31.01
CA TYR B 158 -3.27 -7.17 32.01
C TYR B 158 -4.75 -7.13 31.60
N PRO B 159 -5.66 -7.31 32.58
CA PRO B 159 -7.08 -7.40 32.27
C PRO B 159 -7.72 -6.03 31.99
N LEU B 160 -8.98 -6.09 31.54
CA LEU B 160 -9.74 -4.90 31.17
C LEU B 160 -9.86 -3.88 32.29
N SER B 161 -10.16 -4.35 33.51
CA SER B 161 -10.34 -3.47 34.67
C SER B 161 -9.04 -2.78 35.08
N TRP B 162 -7.91 -3.45 34.87
CA TRP B 162 -6.60 -2.88 35.18
C TRP B 162 -6.28 -1.69 34.28
N MET B 163 -6.58 -1.83 32.98
CA MET B 163 -6.33 -0.77 32.00
C MET B 163 -7.29 0.42 32.22
N LYS B 164 -8.56 0.12 32.48
CA LYS B 164 -9.54 1.16 32.83
C LYS B 164 -9.07 2.03 34.00
N GLU B 165 -8.69 1.36 35.08
CA GLU B 165 -8.20 2.02 36.29
C GLU B 165 -7.09 3.04 35.97
N LYS B 166 -6.12 2.61 35.17
CA LYS B 166 -5.01 3.48 34.77
C LYS B 166 -5.46 4.63 33.85
N ILE B 167 -6.35 4.34 32.92
CA ILE B 167 -6.86 5.33 31.98
C ILE B 167 -7.64 6.44 32.70
N PHE B 168 -8.62 6.05 33.51
CA PHE B 168 -9.48 7.02 34.20
C PHE B 168 -8.80 7.70 35.40
N SER B 169 -7.70 7.11 35.87
CA SER B 169 -6.84 7.78 36.86
C SER B 169 -5.79 8.67 36.19
N GLU B 170 -5.71 8.60 34.86
CA GLU B 170 -4.76 9.40 34.09
C GLU B 170 -3.30 9.12 34.49
N VAL B 171 -3.02 7.87 34.83
CA VAL B 171 -1.67 7.40 35.07
C VAL B 171 -1.26 6.56 33.87
N THR B 172 -0.09 6.84 33.30
CA THR B 172 0.43 6.07 32.18
C THR B 172 0.68 4.63 32.63
N PRO B 173 -0.06 3.65 32.06
CA PRO B 173 0.08 2.26 32.49
C PRO B 173 1.49 1.70 32.28
N LYS B 174 2.07 1.16 33.35
CA LYS B 174 3.41 0.55 33.28
C LYS B 174 3.37 -0.91 33.78
N CYS B 175 4.26 -1.72 33.23
CA CYS B 175 4.36 -3.13 33.59
C CYS B 175 4.91 -3.27 35.00
N GLU B 176 4.19 -4.02 35.84
CA GLU B 176 4.60 -4.22 37.23
C GLU B 176 5.88 -5.08 37.33
N ASP B 177 6.14 -5.88 36.30
CA ASP B 177 7.38 -6.68 36.23
C ASP B 177 8.55 -5.88 35.67
N CYS B 178 8.44 -5.40 34.44
CA CYS B 178 9.57 -4.81 33.71
C CYS B 178 9.47 -3.30 33.48
N GLN B 179 8.43 -2.66 34.02
CA GLN B 179 8.24 -1.20 33.95
C GLN B 179 8.15 -0.58 32.55
N SER B 180 8.00 -1.40 31.52
CA SER B 180 7.75 -0.89 30.17
C SER B 180 6.29 -0.48 30.07
N LEU B 181 5.95 0.25 29.02
CA LEU B 181 4.57 0.68 28.78
C LEU B 181 3.65 -0.53 28.61
N VAL B 182 2.40 -0.36 29.05
CA VAL B 182 1.33 -1.32 28.79
C VAL B 182 0.25 -0.61 27.96
N LYS B 183 -0.18 -1.25 26.88
CA LYS B 183 -1.22 -0.67 26.04
C LYS B 183 -2.33 -1.68 25.78
N PRO B 184 -3.54 -1.19 25.48
CA PRO B 184 -4.58 -2.13 25.09
C PRO B 184 -4.21 -2.82 23.78
N ASP B 185 -4.74 -4.00 23.57
CA ASP B 185 -4.36 -4.84 22.43
C ASP B 185 -4.96 -4.38 21.11
N ILE B 186 -5.08 -3.07 20.92
CA ILE B 186 -5.46 -2.53 19.63
C ILE B 186 -4.19 -2.38 18.81
N VAL B 187 -4.30 -2.65 17.52
CA VAL B 187 -3.15 -2.71 16.65
C VAL B 187 -2.77 -1.31 16.22
N PHE B 188 -1.55 -0.90 16.56
CA PHE B 188 -1.05 0.41 16.16
C PHE B 188 -0.31 0.27 14.84
N PHE B 189 -0.15 1.37 14.13
CA PHE B 189 0.66 1.36 12.92
C PHE B 189 2.06 0.88 13.31
N GLY B 190 2.60 -0.04 12.51
CA GLY B 190 3.92 -0.58 12.78
C GLY B 190 3.92 -1.86 13.61
N GLU B 191 2.74 -2.26 14.11
CA GLU B 191 2.59 -3.45 14.94
C GLU B 191 2.04 -4.63 14.15
N SER B 192 2.33 -5.83 14.66
CA SER B 192 1.80 -7.06 14.10
C SER B 192 0.30 -7.14 14.34
N LEU B 193 -0.41 -7.75 13.38
CA LEU B 193 -1.83 -8.07 13.54
C LEU B 193 -1.97 -9.38 14.33
N PRO B 194 -3.17 -9.63 14.88
CA PRO B 194 -3.39 -10.84 15.66
C PRO B 194 -3.12 -12.11 14.85
N ALA B 195 -2.56 -13.11 15.52
CA ALA B 195 -2.32 -14.41 14.89
C ALA B 195 -3.57 -14.94 14.19
N ARG B 196 -4.72 -14.77 14.85
CA ARG B 196 -6.00 -15.20 14.31
C ARG B 196 -6.32 -14.61 12.93
N PHE B 197 -5.88 -13.39 12.66
CA PHE B 197 -6.11 -12.76 11.35
C PHE B 197 -5.51 -13.62 10.23
N PHE B 198 -4.27 -14.08 10.43
CA PHE B 198 -3.56 -14.82 9.40
C PHE B 198 -4.04 -16.27 9.31
N SER B 199 -4.28 -16.92 10.44
CA SER B 199 -4.74 -18.30 10.44
C SER B 199 -6.11 -18.44 9.79
N CYS B 200 -7.02 -17.51 10.09
CA CYS B 200 -8.36 -17.54 9.49
C CYS B 200 -8.35 -17.20 8.00
N MET B 201 -7.59 -16.18 7.63
CA MET B 201 -7.55 -15.73 6.24
CA MET B 201 -7.58 -15.73 6.24
C MET B 201 -7.02 -16.81 5.30
N GLN B 202 -6.03 -17.58 5.77
CA GLN B 202 -5.41 -18.63 4.96
CA GLN B 202 -5.41 -18.63 4.96
C GLN B 202 -6.43 -19.67 4.48
N SER B 203 -7.43 -19.96 5.31
CA SER B 203 -8.46 -20.96 4.95
C SER B 203 -9.77 -20.35 4.46
N ASP B 204 -10.20 -19.26 5.09
CA ASP B 204 -11.52 -18.66 4.80
C ASP B 204 -11.75 -18.26 3.35
N PHE B 205 -10.72 -17.73 2.69
CA PHE B 205 -10.87 -17.17 1.35
C PHE B 205 -10.69 -18.19 0.22
N LEU B 206 -10.45 -19.45 0.56
CA LEU B 206 -10.34 -20.51 -0.44
C LEU B 206 -11.68 -20.85 -1.10
N LYS B 207 -12.76 -20.89 -0.31
CA LYS B 207 -14.08 -21.26 -0.82
C LYS B 207 -15.18 -20.24 -0.51
N VAL B 208 -14.80 -18.98 -0.33
CA VAL B 208 -15.80 -17.95 -0.09
C VAL B 208 -16.61 -17.73 -1.37
N ASP B 209 -17.93 -17.61 -1.22
CA ASP B 209 -18.84 -17.45 -2.35
C ASP B 209 -19.29 -16.00 -2.56
N LEU B 210 -19.24 -15.19 -1.50
CA LEU B 210 -19.59 -13.77 -1.62
C LEU B 210 -18.81 -12.93 -0.62
N LEU B 211 -18.27 -11.80 -1.06
CA LEU B 211 -17.68 -10.82 -0.14
C LEU B 211 -18.60 -9.63 0.02
N LEU B 212 -18.91 -9.29 1.26
CA LEU B 212 -19.73 -8.14 1.59
C LEU B 212 -18.86 -7.13 2.33
N VAL B 213 -18.51 -6.06 1.63
CA VAL B 213 -17.64 -5.00 2.14
C VAL B 213 -18.48 -3.80 2.56
N MET B 214 -18.41 -3.43 3.84
CA MET B 214 -19.26 -2.37 4.36
C MET B 214 -18.51 -1.37 5.23
N GLY B 215 -18.70 -0.09 4.96
CA GLY B 215 -18.28 0.96 5.86
C GLY B 215 -16.78 1.06 6.02
N THR B 216 -16.04 0.91 4.93
CA THR B 216 -14.59 1.09 5.01
C THR B 216 -14.04 1.78 3.76
N SER B 217 -12.98 2.55 3.96
CA SER B 217 -12.30 3.26 2.88
C SER B 217 -11.18 2.42 2.25
N LEU B 218 -10.89 1.26 2.87
CA LEU B 218 -9.84 0.35 2.40
C LEU B 218 -8.51 1.06 2.23
N GLN B 219 -8.18 1.88 3.23
CA GLN B 219 -6.99 2.73 3.21
C GLN B 219 -5.85 2.18 4.05
N VAL B 220 -6.00 0.98 4.60
CA VAL B 220 -4.91 0.40 5.37
C VAL B 220 -4.63 -1.06 4.99
N GLN B 221 -3.34 -1.39 4.90
CA GLN B 221 -2.87 -2.75 4.71
C GLN B 221 -2.49 -3.36 6.08
N PRO B 222 -2.55 -4.69 6.19
CA PRO B 222 -2.91 -5.66 5.16
C PRO B 222 -4.42 -5.90 4.97
N PHE B 223 -5.29 -5.24 5.73
CA PHE B 223 -6.73 -5.48 5.61
C PHE B 223 -7.20 -5.27 4.16
N ALA B 224 -6.73 -4.20 3.53
CA ALA B 224 -7.14 -3.88 2.16
C ALA B 224 -6.85 -5.00 1.16
N SER B 225 -5.84 -5.83 1.44
CA SER B 225 -5.49 -6.97 0.57
C SER B 225 -6.53 -8.08 0.57
N LEU B 226 -7.39 -8.11 1.60
CA LEU B 226 -8.33 -9.21 1.75
C LEU B 226 -9.28 -9.37 0.57
N ILE B 227 -9.68 -8.27 -0.08
CA ILE B 227 -10.61 -8.40 -1.23
C ILE B 227 -9.96 -9.15 -2.40
N SER B 228 -8.64 -9.07 -2.51
CA SER B 228 -7.89 -9.79 -3.55
C SER B 228 -7.66 -11.28 -3.24
N LYS B 229 -7.97 -11.72 -2.03
CA LYS B 229 -7.71 -13.09 -1.60
C LYS B 229 -8.82 -14.05 -1.98
N ALA B 230 -10.00 -13.50 -2.33
CA ALA B 230 -11.11 -14.33 -2.78
C ALA B 230 -10.81 -14.88 -4.17
N PRO B 231 -11.47 -15.97 -4.56
CA PRO B 231 -11.34 -16.44 -5.94
C PRO B 231 -11.84 -15.39 -6.93
N LEU B 232 -11.33 -15.44 -8.15
CA LEU B 232 -11.69 -14.42 -9.16
C LEU B 232 -13.17 -14.46 -9.56
N SER B 233 -13.83 -15.60 -9.34
CA SER B 233 -15.26 -15.74 -9.62
C SER B 233 -16.18 -15.23 -8.50
N THR B 234 -15.64 -15.04 -7.29
CA THR B 234 -16.45 -14.63 -6.14
C THR B 234 -16.96 -13.20 -6.29
N PRO B 235 -18.29 -13.01 -6.34
CA PRO B 235 -18.83 -11.65 -6.38
C PRO B 235 -18.51 -10.83 -5.13
N ARG B 236 -18.42 -9.52 -5.30
CA ARG B 236 -18.06 -8.62 -4.20
C ARG B 236 -18.97 -7.40 -4.21
N LEU B 237 -19.72 -7.23 -3.13
CA LEU B 237 -20.68 -6.15 -2.98
C LEU B 237 -20.16 -5.15 -1.96
N LEU B 238 -20.08 -3.89 -2.38
CA LEU B 238 -19.70 -2.81 -1.50
C LEU B 238 -20.94 -2.03 -1.07
N ILE B 239 -21.12 -1.87 0.23
CA ILE B 239 -22.18 -1.01 0.77
C ILE B 239 -21.47 0.09 1.56
N ASN B 240 -21.41 1.29 0.97
CA ASN B 240 -20.61 2.37 1.51
C ASN B 240 -21.12 3.71 1.01
N LYS B 241 -20.83 4.78 1.75
CA LYS B 241 -21.22 6.13 1.32
C LYS B 241 -20.54 6.55 0.01
N GLU B 242 -19.29 6.12 -0.16
CA GLU B 242 -18.50 6.45 -1.34
C GLU B 242 -17.89 5.19 -1.92
N LYS B 243 -17.52 5.23 -3.19
CA LYS B 243 -16.77 4.13 -3.79
C LYS B 243 -15.41 4.03 -3.13
N ALA B 244 -15.03 2.79 -2.81
CA ALA B 244 -13.74 2.48 -2.21
C ALA B 244 -13.21 1.22 -2.87
N GLY B 245 -11.89 1.14 -3.00
CA GLY B 245 -11.25 0.00 -3.67
C GLY B 245 -11.08 0.18 -5.16
N GLN B 246 -11.87 1.08 -5.76
CA GLN B 246 -11.73 1.39 -7.17
C GLN B 246 -11.17 2.79 -7.34
N SER B 247 -10.00 2.86 -7.98
CA SER B 247 -9.39 4.13 -8.33
C SER B 247 -8.33 3.88 -9.38
N ASP B 248 -8.01 4.91 -10.15
CA ASP B 248 -6.90 4.85 -11.09
C ASP B 248 -5.62 4.74 -10.27
N PRO B 249 -4.70 3.86 -10.70
CA PRO B 249 -3.43 3.70 -9.98
C PRO B 249 -2.57 4.97 -9.93
N PHE B 250 -2.33 5.46 -8.72
CA PHE B 250 -1.60 6.70 -8.51
C PHE B 250 -0.47 6.46 -7.51
N LEU B 251 0.50 7.37 -7.48
CA LEU B 251 1.65 7.20 -6.60
C LEU B 251 1.20 7.30 -5.14
N GLY B 252 1.47 6.27 -4.38
CA GLY B 252 1.13 6.24 -2.96
C GLY B 252 -0.18 5.55 -2.67
N MET B 253 -0.83 5.00 -3.69
CA MET B 253 -2.06 4.23 -3.50
C MET B 253 -1.83 3.10 -2.49
N ILE B 254 -2.86 2.78 -1.71
CA ILE B 254 -2.78 1.75 -0.67
C ILE B 254 -2.85 0.35 -1.27
N MET B 255 -3.80 0.15 -2.17
CA MET B 255 -4.02 -1.13 -2.82
CA MET B 255 -4.01 -1.15 -2.77
C MET B 255 -2.84 -1.52 -3.69
N GLY B 256 -2.57 -2.81 -3.77
CA GLY B 256 -1.60 -3.33 -4.72
C GLY B 256 -2.17 -3.19 -6.13
N LEU B 257 -1.28 -3.18 -7.11
CA LEU B 257 -1.66 -2.97 -8.50
C LEU B 257 -2.60 -4.10 -8.95
N GLY B 258 -3.79 -3.73 -9.41
CA GLY B 258 -4.80 -4.70 -9.84
C GLY B 258 -5.46 -5.46 -8.70
N GLY B 259 -5.30 -4.97 -7.47
CA GLY B 259 -5.88 -5.62 -6.30
C GLY B 259 -7.20 -4.99 -5.89
N GLY B 260 -7.71 -4.08 -6.71
CA GLY B 260 -8.89 -3.30 -6.36
C GLY B 260 -10.18 -3.82 -6.94
N MET B 261 -11.24 -3.05 -6.72
CA MET B 261 -12.56 -3.34 -7.23
C MET B 261 -12.68 -2.84 -8.66
N ASP B 262 -13.49 -3.54 -9.46
CA ASP B 262 -13.83 -3.07 -10.80
C ASP B 262 -15.35 -2.96 -10.93
N PHE B 263 -15.88 -1.78 -10.58
CA PHE B 263 -17.31 -1.52 -10.64
C PHE B 263 -17.73 -1.01 -12.00
N ASP B 264 -16.98 -0.03 -12.53
CA ASP B 264 -17.44 0.81 -13.63
C ASP B 264 -16.84 0.54 -15.01
N SER B 265 -15.76 -0.26 -15.07
CA SER B 265 -15.07 -0.50 -16.34
C SER B 265 -15.86 -1.40 -17.28
N LYS B 266 -15.40 -1.46 -18.53
CA LYS B 266 -15.98 -2.35 -19.53
C LYS B 266 -15.82 -3.82 -19.15
N LYS B 267 -14.73 -4.13 -18.44
CA LYS B 267 -14.41 -5.51 -18.05
C LYS B 267 -15.16 -5.96 -16.79
N ALA B 268 -15.73 -4.99 -16.06
CA ALA B 268 -16.46 -5.26 -14.82
C ALA B 268 -17.41 -6.45 -14.96
N TYR B 269 -17.23 -7.45 -14.12
CA TYR B 269 -18.01 -8.69 -14.19
C TYR B 269 -18.59 -9.20 -12.87
N ARG B 270 -18.04 -8.78 -11.73
CA ARG B 270 -18.43 -9.36 -10.43
C ARG B 270 -18.62 -8.38 -9.26
N ASP B 271 -18.22 -7.13 -9.41
CA ASP B 271 -18.23 -6.18 -8.30
C ASP B 271 -19.39 -5.21 -8.43
N VAL B 272 -20.04 -4.93 -7.30
CA VAL B 272 -21.23 -4.08 -7.26
C VAL B 272 -21.10 -3.06 -6.15
N ALA B 273 -21.37 -1.79 -6.47
CA ALA B 273 -21.30 -0.70 -5.51
C ALA B 273 -22.69 -0.16 -5.21
N TRP B 274 -23.14 -0.35 -3.97
CA TRP B 274 -24.37 0.28 -3.50
C TRP B 274 -23.98 1.46 -2.64
N LEU B 275 -24.21 2.67 -3.15
CA LEU B 275 -23.75 3.88 -2.49
C LEU B 275 -24.84 4.55 -1.65
N GLY B 276 -24.54 4.71 -0.36
CA GLY B 276 -25.46 5.30 0.59
C GLY B 276 -25.16 4.80 1.98
N GLU B 277 -26.15 4.90 2.87
CA GLU B 277 -26.00 4.51 4.27
C GLU B 277 -25.91 2.99 4.39
N CYS B 278 -25.00 2.50 5.23
CA CYS B 278 -24.85 1.07 5.44
C CYS B 278 -26.17 0.46 5.91
N ASP B 279 -26.80 1.10 6.89
CA ASP B 279 -28.09 0.63 7.42
C ASP B 279 -29.14 0.50 6.32
N GLN B 280 -29.24 1.51 5.46
CA GLN B 280 -30.21 1.49 4.37
C GLN B 280 -29.88 0.43 3.31
N GLY B 281 -28.60 0.23 3.05
CA GLY B 281 -28.19 -0.82 2.11
C GLY B 281 -28.51 -2.20 2.64
N CYS B 282 -28.34 -2.38 3.95
CA CYS B 282 -28.65 -3.65 4.59
C CYS B 282 -30.16 -3.91 4.62
N LEU B 283 -30.95 -2.87 4.89
CA LEU B 283 -32.42 -2.97 4.83
C LEU B 283 -32.89 -3.35 3.43
N ALA B 284 -32.31 -2.70 2.42
CA ALA B 284 -32.64 -2.96 1.02
C ALA B 284 -32.33 -4.40 0.60
N LEU B 285 -31.12 -4.87 0.91
CA LEU B 285 -30.73 -6.24 0.60
C LEU B 285 -31.63 -7.24 1.34
N ALA B 286 -31.94 -6.94 2.60
CA ALA B 286 -32.82 -7.78 3.40
C ALA B 286 -34.19 -7.92 2.76
N GLU B 287 -34.71 -6.82 2.22
CA GLU B 287 -36.01 -6.83 1.55
C GLU B 287 -36.03 -7.71 0.31
N LEU B 288 -34.96 -7.67 -0.47
CA LEU B 288 -34.83 -8.50 -1.67
C LEU B 288 -34.74 -10.00 -1.33
N LEU B 289 -34.20 -10.31 -0.16
CA LEU B 289 -34.07 -11.68 0.32
C LEU B 289 -35.30 -12.15 1.12
N GLY B 290 -36.20 -11.23 1.43
CA GLY B 290 -37.42 -11.55 2.17
C GLY B 290 -37.23 -11.54 3.68
N TRP B 291 -36.17 -10.89 4.16
CA TRP B 291 -35.85 -10.87 5.59
C TRP B 291 -36.21 -9.54 6.26
N LYS B 292 -36.81 -8.61 5.53
CA LYS B 292 -37.08 -7.26 6.05
C LYS B 292 -37.74 -7.28 7.43
N LYS B 293 -38.85 -8.03 7.54
CA LYS B 293 -39.59 -8.13 8.79
C LYS B 293 -38.74 -8.79 9.88
N GLU B 294 -38.07 -9.87 9.52
CA GLU B 294 -37.22 -10.60 10.47
C GLU B 294 -36.09 -9.71 11.01
N LEU B 295 -35.50 -8.90 10.15
CA LEU B 295 -34.43 -7.99 10.55
C LEU B 295 -34.95 -6.89 11.48
N GLU B 296 -36.08 -6.28 11.13
CA GLU B 296 -36.65 -5.19 11.92
C GLU B 296 -37.06 -5.65 13.32
N ASP B 297 -37.64 -6.84 13.41
CA ASP B 297 -37.98 -7.44 14.70
C ASP B 297 -36.74 -7.63 15.57
N LEU B 298 -35.70 -8.25 15.01
CA LEU B 298 -34.44 -8.48 15.71
C LEU B 298 -33.88 -7.20 16.29
N VAL B 299 -33.83 -6.14 15.47
CA VAL B 299 -33.29 -4.86 15.90
C VAL B 299 -34.10 -4.26 17.06
N ARG B 300 -35.42 -4.36 16.96
CA ARG B 300 -36.33 -3.80 17.98
C ARG B 300 -36.10 -4.44 19.35
N ARG B 301 -36.09 -5.77 19.40
CA ARG B 301 -35.97 -6.49 20.66
C ARG B 301 -34.60 -6.32 21.31
N GLU B 302 -33.56 -6.33 20.50
CA GLU B 302 -32.18 -6.19 20.99
C GLU B 302 -31.94 -4.81 21.59
N HIS B 303 -32.38 -3.79 20.88
CA HIS B 303 -32.32 -2.41 21.37
C HIS B 303 -33.11 -2.26 22.66
N ALA B 304 -34.31 -2.84 22.69
CA ALA B 304 -35.14 -2.85 23.90
C ALA B 304 -34.45 -3.57 25.05
N SER B 305 -33.87 -4.74 24.75
CA SER B 305 -33.18 -5.55 25.76
C SER B 305 -31.99 -4.81 26.37
N ILE B 306 -31.23 -4.08 25.54
CA ILE B 306 -30.11 -3.29 26.03
C ILE B 306 -30.62 -2.14 26.91
N ASP B 307 -31.68 -1.47 26.45
CA ASP B 307 -32.31 -0.41 27.24
C ASP B 307 -32.94 -0.93 28.53
N ALA B 308 -33.47 -2.15 28.49
CA ALA B 308 -34.16 -2.76 29.63
C ALA B 308 -33.23 -3.13 30.79
N GLN B 309 -31.91 -3.08 30.58
CA GLN B 309 -30.93 -3.35 31.63
C GLN B 309 -31.29 -2.67 32.95
ZN ZN C . -3.70 25.95 -17.33
N1 AR6 D . 24.07 0.26 -3.66
C2 AR6 D . 23.04 -0.54 -3.28
N3 AR6 D . 21.95 -0.06 -2.65
C4 AR6 D . 21.87 1.26 -2.34
C5 AR6 D . 22.95 2.18 -2.71
C6 AR6 D . 24.11 1.58 -3.40
N6 AR6 D . 25.15 2.34 -3.78
N7 AR6 D . 22.58 3.41 -2.27
C8 AR6 D . 21.36 3.27 -1.70
N9 AR6 D . 20.97 1.99 -1.72
PA AR6 D . 14.87 4.90 -1.53
PB AR6 D . 13.53 4.52 -4.10
C1' AR6 D . 19.71 1.40 -1.29
O1A AR6 D . 13.57 4.67 -0.82
O1B AR6 D . 14.00 4.79 -5.50
C1D AR6 D . 10.26 8.61 -3.40
O1D AR6 D . 9.14 9.27 -2.81
C2' AR6 D . 19.14 1.89 0.02
O2' AR6 D . 19.64 1.07 1.06
O2A AR6 D . 15.75 6.07 -1.12
O2B AR6 D . 13.24 3.13 -3.63
C2D AR6 D . 10.45 8.97 -4.86
O2D AR6 D . 9.18 9.17 -5.50
C3' AR6 D . 17.65 1.73 -0.24
O3' AR6 D . 17.14 0.42 0.01
O3A AR6 D . 14.64 5.15 -3.11
C3D AR6 D . 11.11 7.71 -5.39
O3D AR6 D . 10.99 7.57 -6.81
C4' AR6 D . 17.51 2.03 -1.73
O4' AR6 D . 18.81 1.85 -2.30
C4D AR6 D . 10.35 6.63 -4.66
O4D AR6 D . 10.08 7.19 -3.37
C5' AR6 D . 17.03 3.44 -1.96
O5' AR6 D . 15.69 3.53 -1.53
C5D AR6 D . 11.09 5.31 -4.58
O5D AR6 D . 12.28 5.45 -3.81
ZN ZN E . 6.75 -6.25 31.01
N1 AR6 F . -22.85 4.44 5.79
C2 AR6 F . -22.04 4.05 4.79
N3 AR6 F . -20.75 4.41 4.72
C4 AR6 F . -20.23 5.19 5.70
C5 AR6 F . -21.05 5.65 6.82
C6 AR6 F . -22.46 5.21 6.83
N6 AR6 F . -23.28 5.59 7.83
N7 AR6 F . -20.29 6.40 7.61
C8 AR6 F . -19.05 6.42 7.06
N9 AR6 F . -19.03 5.73 5.92
PA AR6 F . -12.43 5.19 7.51
PB AR6 F . -11.89 2.44 8.24
C1' AR6 F . -17.88 5.45 5.05
O1A AR6 F . -11.15 5.28 6.75
O1B AR6 F . -12.56 1.50 9.20
C1D AR6 F . -7.53 3.58 10.96
O1D AR6 F . -6.14 3.93 11.02
C2' AR6 F . -16.95 6.59 4.77
O2' AR6 F . -17.32 7.31 3.60
O2A AR6 F . -12.90 6.33 8.38
O2B AR6 F . -11.84 2.14 6.79
C2D AR6 F . -7.92 2.54 12.00
O2D AR6 F . -6.80 1.73 12.31
C3' AR6 F . -15.63 5.86 4.59
O3' AR6 F . -15.45 5.36 3.27
O3A AR6 F . -12.50 3.91 8.51
C3D AR6 F . -9.00 1.77 11.27
O3D AR6 F . -9.26 0.47 11.83
C4' AR6 F . -15.73 4.68 5.53
O4' AR6 F . -17.12 4.53 5.84
C4D AR6 F . -8.45 1.72 9.86
O4D AR6 F . -7.78 2.99 9.70
C5' AR6 F . -14.93 4.88 6.79
O5' AR6 F . -13.54 4.80 6.44
C5D AR6 F . -9.48 1.54 8.77
O5D AR6 F . -10.38 2.65 8.77
C1 PGE G . -29.02 3.65 -3.35
O1 PGE G . -29.59 4.82 -2.74
C2 PGE G . -28.62 3.95 -4.80
O2 PGE G . -27.49 3.15 -5.15
C3 PGE G . -26.52 3.85 -5.92
C4 PGE G . -25.66 2.86 -6.70
O4 PGE G . -21.77 2.02 -9.14
C6 PGE G . -22.35 2.98 -8.25
C5 PGE G . -23.86 2.83 -8.24
O3 PGE G . -24.41 3.45 -7.08
#